data_5RLD
#
_entry.id   5RLD
#
_cell.length_a   59.423
_cell.length_b   70.317
_cell.length_c   85.425
_cell.angle_alpha   102.560
_cell.angle_beta   96.360
_cell.angle_gamma   112.390
#
_symmetry.space_group_name_H-M   'P 1'
#
loop_
_entity.id
_entity.type
_entity.pdbx_description
1 polymer Helicase
2 non-polymer 'ZINC ION'
3 non-polymer 'PHOSPHATE ION'
4 non-polymer 2-phenoxy-1-(pyrrolidin-1-yl)ethan-1-one
5 water water
#
_entity_poly.entity_id   1
_entity_poly.type   'polypeptide(L)'
_entity_poly.pdbx_seq_one_letter_code
;AVGACVLCNSQTSLRCGACIRRPFLCCKCCYDHVISTSHKLVLSVNPYVCNAPGCDVTDVTQLYLGGMSYYCKSHKPPIS
FPLCANGQVFGLYKNTCVGSDNVTDFNAIATCDWTNAGDYILANTCTERLKLFAAETLKATEETFKLSYGIATVREVLSD
RELHLSWEVGKPRPPLNRNYVFTGYRVTKNSKVQIGEYTFEKGDYGDAVVYRGTTTYKLNVGDYFVLTSHTVMPLSAPTL
VPQEHYVRITGLYPTLNISDEFSSNVANYQKVGMQKYSTLQGPPGTGKSHFAIGLALYYPSARIVYTACSHAAVDALCEK
ALKYLPIDKCSRIIPARARVECFDKFKVNSTLEQYVFCTVNALPETTADIVVFDEISMATNYDLSVVNARLRAKHYVYIG
DPAQLPAPRTLLTKGTLEPEYFNSVCRLMKTIGPDMFLGTCRRCPAEIVDTVSALVYDNKLKAHKDKSAQCFKMFYKGVI
THDVSSAINRPQIGVVREFLTRNPAWRKAVFISPYNSQNAVASKILGLPTQTVDSSQGSEYDYVIFTQTTETAHSCNVNR
FNVAITRAKVGILCIMSDRDLYDKLQFTSLEIPRRNVATLQ
;
_entity_poly.pdbx_strand_id   A,B
#
loop_
_chem_comp.id
_chem_comp.type
_chem_comp.name
_chem_comp.formula
PO4 non-polymer 'PHOSPHATE ION' 'O4 P -3'
VVY non-polymer 2-phenoxy-1-(pyrrolidin-1-yl)ethan-1-one 'C12 H15 N O2'
ZN non-polymer 'ZINC ION' 'Zn 2'
#
# COMPACT_ATOMS: atom_id res chain seq x y z
N ALA A 1 24.92 7.29 -11.84
CA ALA A 1 23.82 8.24 -11.69
C ALA A 1 23.53 9.03 -12.97
N VAL A 2 22.75 8.44 -13.88
CA VAL A 2 22.37 9.11 -15.12
C VAL A 2 20.92 9.57 -15.05
N GLY A 3 20.73 10.87 -15.25
CA GLY A 3 19.40 11.47 -15.18
C GLY A 3 19.30 12.82 -15.86
N ALA A 4 18.15 13.48 -15.69
CA ALA A 4 17.84 14.77 -16.29
C ALA A 4 17.83 15.96 -15.32
N CYS A 5 18.41 17.08 -15.78
CA CYS A 5 18.54 18.36 -15.10
C CYS A 5 17.17 18.85 -14.60
N VAL A 6 17.12 19.42 -13.38
CA VAL A 6 15.86 19.92 -12.83
C VAL A 6 15.51 21.32 -13.36
N LEU A 7 16.46 22.06 -13.94
CA LEU A 7 16.19 23.41 -14.45
C LEU A 7 16.08 23.49 -15.98
N CYS A 8 16.59 22.48 -16.69
CA CYS A 8 16.62 22.51 -18.15
C CYS A 8 16.30 21.17 -18.84
N ASN A 9 16.30 20.07 -18.08
CA ASN A 9 16.07 18.68 -18.51
C ASN A 9 17.22 18.10 -19.35
N SER A 10 18.31 18.86 -19.59
CA SER A 10 19.49 18.35 -20.34
C SER A 10 20.07 17.15 -19.56
N GLN A 11 20.35 16.02 -20.25
CA GLN A 11 20.88 14.84 -19.57
C GLN A 11 22.25 15.12 -18.92
N THR A 12 22.48 14.66 -17.67
CA THR A 12 23.76 14.88 -16.99
C THR A 12 24.05 13.83 -15.94
N SER A 13 25.33 13.62 -15.68
CA SER A 13 25.81 12.74 -14.63
C SER A 13 25.87 13.50 -13.28
N LEU A 14 25.97 14.86 -13.32
CA LEU A 14 26.07 15.72 -12.15
C LEU A 14 24.80 15.84 -11.29
N ARG A 15 24.97 15.95 -9.95
CA ARG A 15 23.96 16.15 -8.89
C ARG A 15 24.59 17.07 -7.85
N CYS A 16 23.79 17.99 -7.25
CA CYS A 16 24.35 18.81 -6.18
C CYS A 16 24.42 18.01 -4.88
N GLY A 17 25.61 18.00 -4.30
CA GLY A 17 25.90 17.26 -3.09
C GLY A 17 25.45 17.97 -1.83
N ALA A 18 25.36 19.30 -1.88
CA ALA A 18 24.92 20.10 -0.72
C ALA A 18 23.36 20.28 -0.64
N CYS A 19 22.67 20.03 -1.76
CA CYS A 19 21.23 20.07 -1.82
C CYS A 19 20.73 18.83 -1.11
N ILE A 20 19.83 18.98 -0.10
CA ILE A 20 19.32 17.83 0.68
C ILE A 20 18.53 16.84 -0.18
N ARG A 21 18.11 17.23 -1.40
CA ARG A 21 17.41 16.33 -2.29
C ARG A 21 18.27 15.79 -3.46
N ARG A 22 19.57 16.22 -3.58
CA ARG A 22 20.54 15.80 -4.62
C ARG A 22 20.03 15.99 -6.09
N PRO A 23 19.54 17.19 -6.47
CA PRO A 23 19.01 17.36 -7.83
C PRO A 23 20.05 17.22 -8.93
N PHE A 24 19.68 16.56 -10.03
CA PHE A 24 20.53 16.41 -11.21
C PHE A 24 20.62 17.79 -11.86
N LEU A 25 21.83 18.29 -12.08
CA LEU A 25 22.04 19.61 -12.67
C LEU A 25 22.98 19.52 -13.86
N CYS A 26 22.56 20.09 -14.98
CA CYS A 26 23.37 20.10 -16.19
C CYS A 26 24.61 20.97 -16.01
N CYS A 27 25.62 20.76 -16.85
CA CYS A 27 26.88 21.50 -16.82
C CYS A 27 26.72 23.06 -16.75
N LYS A 28 25.79 23.64 -17.52
CA LYS A 28 25.57 25.10 -17.52
C LYS A 28 24.83 25.60 -16.29
N CYS A 29 23.97 24.75 -15.69
CA CYS A 29 23.17 25.11 -14.51
C CYS A 29 23.84 24.76 -13.18
N CYS A 30 24.57 23.63 -13.14
CA CYS A 30 25.35 23.19 -12.00
C CYS A 30 26.40 24.28 -11.66
N TYR A 31 27.00 24.91 -12.70
CA TYR A 31 27.96 26.00 -12.51
C TYR A 31 27.22 27.17 -11.93
N ASP A 32 26.11 27.56 -12.58
CA ASP A 32 25.28 28.69 -12.14
C ASP A 32 24.87 28.57 -10.68
N HIS A 33 24.70 27.32 -10.21
CA HIS A 33 24.34 26.97 -8.84
C HIS A 33 25.52 27.08 -7.83
N VAL A 34 26.65 26.38 -8.11
CA VAL A 34 27.79 26.39 -7.21
C VAL A 34 28.48 27.74 -7.10
N ILE A 35 28.45 28.53 -8.18
CA ILE A 35 29.09 29.84 -8.27
C ILE A 35 28.28 31.00 -7.61
N SER A 36 27.02 30.70 -7.20
CA SER A 36 26.13 31.70 -6.59
C SER A 36 25.64 31.33 -5.18
N THR A 37 25.94 30.11 -4.70
CA THR A 37 25.50 29.65 -3.37
C THR A 37 26.66 29.04 -2.56
N SER A 38 26.43 28.73 -1.27
CA SER A 38 27.39 28.03 -0.42
C SER A 38 27.54 26.53 -0.84
N HIS A 39 26.67 26.05 -1.76
CA HIS A 39 26.69 24.68 -2.21
C HIS A 39 27.86 24.51 -3.18
N LYS A 40 28.89 23.74 -2.79
CA LYS A 40 30.04 23.52 -3.66
C LYS A 40 30.34 22.04 -3.90
N LEU A 41 29.71 21.12 -3.13
CA LEU A 41 29.96 19.70 -3.35
C LEU A 41 29.16 19.28 -4.59
N VAL A 42 29.83 18.66 -5.58
CA VAL A 42 29.23 18.16 -6.82
C VAL A 42 29.41 16.61 -6.86
N LEU A 43 28.36 15.85 -7.23
CA LEU A 43 28.42 14.39 -7.27
C LEU A 43 28.08 13.90 -8.67
N SER A 44 28.97 13.14 -9.34
CA SER A 44 28.63 12.55 -10.64
C SER A 44 28.60 11.01 -10.35
N VAL A 45 29.50 10.18 -10.92
CA VAL A 45 29.63 8.76 -10.53
C VAL A 45 30.44 8.77 -9.19
N ASN A 46 31.55 9.53 -9.21
CA ASN A 46 32.50 9.79 -8.13
C ASN A 46 32.39 11.28 -7.76
N PRO A 47 32.47 11.60 -6.46
CA PRO A 47 32.38 13.00 -6.07
C PRO A 47 33.55 13.81 -6.61
N TYR A 48 33.26 15.06 -6.89
CA TYR A 48 34.26 15.97 -7.36
C TYR A 48 34.88 16.52 -6.11
N VAL A 49 35.82 15.73 -5.57
CA VAL A 49 36.65 15.92 -4.39
C VAL A 49 38.12 15.64 -4.84
N CYS A 50 39.13 16.15 -4.08
CA CYS A 50 40.54 15.98 -4.39
C CYS A 50 41.02 14.54 -4.17
N ASN A 51 41.60 13.96 -5.22
CA ASN A 51 42.08 12.60 -5.22
C ASN A 51 43.42 12.40 -4.51
N ALA A 52 44.13 13.49 -4.17
CA ALA A 52 45.39 13.40 -3.46
C ALA A 52 45.14 12.82 -2.06
N PRO A 53 45.97 11.86 -1.61
CA PRO A 53 45.74 11.24 -0.29
C PRO A 53 45.66 12.19 0.92
N GLY A 54 44.55 12.14 1.64
CA GLY A 54 44.35 12.96 2.83
C GLY A 54 43.97 14.41 2.57
N CYS A 55 43.70 14.75 1.30
CA CYS A 55 43.32 16.11 0.96
C CYS A 55 41.84 16.32 1.18
N ASP A 56 41.49 17.42 1.87
CA ASP A 56 40.10 17.74 2.19
C ASP A 56 39.51 18.86 1.32
N VAL A 57 39.92 18.99 0.04
CA VAL A 57 39.33 19.98 -0.86
C VAL A 57 38.15 19.33 -1.57
N THR A 58 36.92 19.86 -1.34
CA THR A 58 35.63 19.39 -1.91
C THR A 58 34.87 20.47 -2.71
N ASP A 59 35.32 21.75 -2.61
CA ASP A 59 34.74 22.89 -3.32
C ASP A 59 35.07 22.70 -4.81
N VAL A 60 34.04 22.66 -5.68
CA VAL A 60 34.23 22.41 -7.12
C VAL A 60 34.99 23.57 -7.83
N THR A 61 34.90 24.80 -7.30
CA THR A 61 35.63 25.95 -7.87
C THR A 61 37.15 25.91 -7.57
N GLN A 62 37.55 25.16 -6.53
CA GLN A 62 38.95 24.97 -6.16
C GLN A 62 39.44 23.60 -6.67
N LEU A 63 38.85 23.05 -7.76
CA LEU A 63 39.24 21.73 -8.29
C LEU A 63 39.48 21.73 -9.83
N TYR A 64 40.26 20.73 -10.30
CA TYR A 64 40.72 20.56 -11.69
C TYR A 64 40.68 19.09 -12.13
N LEU A 65 40.67 18.82 -13.45
CA LEU A 65 40.76 17.45 -14.01
C LEU A 65 42.21 17.18 -14.51
N GLY A 66 42.89 16.32 -13.78
CA GLY A 66 44.24 15.89 -14.12
C GLY A 66 44.22 14.54 -14.79
N GLY A 67 44.09 14.56 -16.12
CA GLY A 67 43.99 13.36 -16.90
C GLY A 67 42.62 12.74 -16.75
N MET A 68 42.50 11.76 -15.86
CA MET A 68 41.21 11.12 -15.59
C MET A 68 40.73 11.26 -14.13
N SER A 69 41.47 12.01 -13.29
CA SER A 69 41.15 12.21 -11.88
C SER A 69 40.92 13.71 -11.50
N TYR A 70 40.46 14.00 -10.27
CA TYR A 70 40.19 15.37 -9.85
C TYR A 70 41.14 15.78 -8.74
N TYR A 71 41.71 17.00 -8.82
CA TYR A 71 42.71 17.50 -7.85
C TYR A 71 42.54 18.99 -7.57
N CYS A 72 42.94 19.46 -6.38
CA CYS A 72 42.87 20.89 -6.07
C CYS A 72 44.08 21.65 -6.68
N LYS A 73 44.17 22.98 -6.48
CA LYS A 73 45.26 23.82 -6.96
C LYS A 73 46.64 23.35 -6.43
N SER A 74 46.66 22.72 -5.22
CA SER A 74 47.87 22.21 -4.54
C SER A 74 48.32 20.80 -4.98
N HIS A 75 47.46 20.03 -5.69
CA HIS A 75 47.83 18.69 -6.11
C HIS A 75 47.67 18.44 -7.61
N LYS A 76 47.10 19.39 -8.35
CA LYS A 76 46.87 19.26 -9.79
C LYS A 76 48.14 19.08 -10.60
N PRO A 77 48.13 18.19 -11.62
CA PRO A 77 49.31 18.06 -12.50
C PRO A 77 49.43 19.23 -13.49
N PRO A 78 50.56 19.38 -14.23
CA PRO A 78 50.68 20.52 -15.17
C PRO A 78 49.59 20.56 -16.23
N ILE A 79 49.17 19.38 -16.72
CA ILE A 79 48.10 19.33 -17.70
C ILE A 79 46.79 18.98 -16.98
N SER A 80 46.16 20.06 -16.48
CA SER A 80 44.91 20.05 -15.72
C SER A 80 44.02 21.25 -16.09
N PHE A 81 42.78 20.92 -16.38
CA PHE A 81 41.74 21.86 -16.75
C PHE A 81 40.89 22.17 -15.52
N PRO A 82 40.57 23.44 -15.20
CA PRO A 82 39.65 23.67 -14.06
C PRO A 82 38.26 23.10 -14.34
N LEU A 83 37.64 22.55 -13.29
CA LEU A 83 36.28 22.03 -13.41
C LEU A 83 35.33 23.24 -13.67
N CYS A 84 35.60 24.40 -13.02
CA CYS A 84 34.78 25.59 -13.18
C CYS A 84 35.39 26.66 -14.04
N ALA A 85 34.94 26.73 -15.30
CA ALA A 85 35.35 27.78 -16.23
C ALA A 85 34.38 27.89 -17.39
N ASN A 86 34.17 29.11 -17.89
CA ASN A 86 33.30 29.40 -19.04
C ASN A 86 31.80 29.15 -18.80
N GLY A 87 31.36 29.29 -17.55
CA GLY A 87 29.97 29.07 -17.19
C GLY A 87 29.55 27.62 -17.09
N GLN A 88 30.52 26.69 -17.10
CA GLN A 88 30.27 25.26 -17.08
C GLN A 88 31.12 24.53 -16.03
N VAL A 89 30.65 23.30 -15.66
CA VAL A 89 31.27 22.31 -14.77
C VAL A 89 31.45 21.05 -15.62
N PHE A 90 32.69 20.54 -15.77
CA PHE A 90 32.92 19.34 -16.59
C PHE A 90 32.08 18.16 -16.17
N GLY A 91 31.21 17.73 -17.06
CA GLY A 91 30.32 16.60 -16.86
C GLY A 91 29.89 15.98 -18.18
N LEU A 92 29.34 14.78 -18.11
CA LEU A 92 28.89 14.09 -19.31
C LEU A 92 27.69 14.78 -19.93
N TYR A 93 27.65 14.79 -21.27
CA TYR A 93 26.59 15.37 -22.09
C TYR A 93 26.53 16.90 -22.00
N LYS A 94 27.64 17.58 -22.32
CA LYS A 94 27.70 19.04 -22.29
C LYS A 94 27.14 19.64 -23.59
N VAL A 103 16.79 30.36 -12.70
CA VAL A 103 17.95 29.70 -12.11
C VAL A 103 18.28 30.29 -10.72
N THR A 104 18.14 31.62 -10.59
CA THR A 104 18.17 32.40 -9.34
C THR A 104 17.11 31.82 -8.34
N ASP A 105 15.94 31.44 -8.88
CA ASP A 105 14.84 30.85 -8.13
C ASP A 105 15.19 29.46 -7.59
N PHE A 106 15.92 28.66 -8.38
CA PHE A 106 16.35 27.33 -7.94
C PHE A 106 17.31 27.49 -6.77
N ASN A 107 18.21 28.49 -6.83
CA ASN A 107 19.18 28.73 -5.77
C ASN A 107 18.49 29.05 -4.45
N ALA A 108 17.48 29.91 -4.51
CA ALA A 108 16.71 30.35 -3.36
C ALA A 108 15.90 29.21 -2.71
N ILE A 109 15.34 28.29 -3.53
CA ILE A 109 14.61 27.12 -3.01
C ILE A 109 15.62 26.17 -2.37
N ALA A 110 16.75 25.92 -3.05
CA ALA A 110 17.81 25.02 -2.61
C ALA A 110 18.44 25.39 -1.26
N THR A 111 18.52 26.70 -0.93
CA THR A 111 19.20 27.19 0.27
C THR A 111 18.32 27.76 1.42
N CYS A 112 17.06 28.10 1.14
CA CYS A 112 16.20 28.65 2.21
C CYS A 112 15.91 27.62 3.35
N ASP A 113 15.59 28.13 4.54
CA ASP A 113 15.23 27.26 5.67
C ASP A 113 13.70 27.02 5.81
N TRP A 114 12.88 27.56 4.86
CA TRP A 114 11.42 27.45 4.81
C TRP A 114 10.70 28.12 5.96
N THR A 115 11.34 29.08 6.64
CA THR A 115 10.72 29.75 7.76
C THR A 115 10.01 31.06 7.39
N ASN A 116 10.27 31.60 6.19
CA ASN A 116 9.70 32.87 5.69
C ASN A 116 8.59 32.64 4.67
N ALA A 117 7.66 33.59 4.53
CA ALA A 117 6.55 33.49 3.58
C ALA A 117 7.05 33.53 2.14
N GLY A 118 8.05 34.37 1.88
CA GLY A 118 8.66 34.53 0.55
C GLY A 118 9.22 33.25 -0.05
N ASP A 119 9.51 32.25 0.82
CA ASP A 119 10.01 30.93 0.43
C ASP A 119 8.87 30.12 -0.23
N TYR A 120 7.66 30.24 0.33
CA TYR A 120 6.49 29.56 -0.18
C TYR A 120 5.93 30.27 -1.42
N ILE A 121 6.05 31.62 -1.47
CA ILE A 121 5.66 32.45 -2.61
C ILE A 121 6.44 31.99 -3.83
N LEU A 122 7.76 31.85 -3.66
CA LEU A 122 8.65 31.37 -4.70
C LEU A 122 8.33 29.91 -5.14
N ALA A 123 8.11 28.99 -4.17
CA ALA A 123 7.78 27.58 -4.46
C ALA A 123 6.46 27.41 -5.26
N ASN A 124 5.74 28.53 -5.52
CA ASN A 124 4.49 28.53 -6.24
C ASN A 124 4.49 29.40 -7.50
N THR A 125 5.44 30.35 -7.61
CA THR A 125 5.55 31.20 -8.79
C THR A 125 6.60 30.70 -9.81
N CYS A 126 7.42 29.70 -9.41
CA CYS A 126 8.46 29.11 -10.23
C CYS A 126 7.91 28.13 -11.33
N THR A 127 8.79 27.52 -12.12
CA THR A 127 8.43 26.57 -13.15
C THR A 127 7.87 25.29 -12.50
N GLU A 128 7.24 24.43 -13.31
CA GLU A 128 6.65 23.21 -12.80
C GLU A 128 7.66 22.22 -12.19
N ARG A 129 8.83 22.04 -12.84
CA ARG A 129 9.85 21.16 -12.28
C ARG A 129 10.42 21.74 -10.97
N LEU A 130 10.47 23.07 -10.85
CA LEU A 130 10.95 23.72 -9.64
C LEU A 130 9.91 23.71 -8.50
N LYS A 131 8.63 23.58 -8.85
CA LYS A 131 7.57 23.44 -7.89
C LYS A 131 7.69 22.04 -7.23
N LEU A 132 8.07 21.01 -8.02
CA LEU A 132 8.22 19.65 -7.48
C LEU A 132 9.46 19.55 -6.61
N PHE A 133 10.55 20.24 -7.02
CA PHE A 133 11.82 20.32 -6.30
C PHE A 133 11.58 21.01 -4.97
N ALA A 134 10.84 22.15 -5.00
CA ALA A 134 10.47 22.92 -3.81
C ALA A 134 9.62 22.12 -2.80
N ALA A 135 8.63 21.37 -3.29
CA ALA A 135 7.77 20.54 -2.44
C ALA A 135 8.51 19.32 -1.86
N GLU A 136 9.47 18.79 -2.61
CA GLU A 136 10.28 17.64 -2.19
C GLU A 136 11.24 18.10 -1.06
N THR A 137 11.87 19.28 -1.25
CA THR A 137 12.84 19.90 -0.35
C THR A 137 12.18 20.31 0.96
N LEU A 138 11.04 21.03 0.86
CA LEU A 138 10.26 21.50 1.99
C LEU A 138 9.82 20.34 2.86
N LYS A 139 9.28 19.27 2.24
CA LYS A 139 8.81 18.12 3.00
C LYS A 139 9.96 17.41 3.69
N ALA A 140 11.13 17.33 3.02
CA ALA A 140 12.29 16.69 3.63
C ALA A 140 12.80 17.52 4.83
N THR A 141 12.74 18.85 4.72
CA THR A 141 13.14 19.78 5.78
C THR A 141 12.18 19.71 7.00
N GLU A 142 10.87 19.62 6.70
CA GLU A 142 9.82 19.51 7.70
C GLU A 142 9.98 18.24 8.53
N GLU A 143 10.41 17.14 7.90
CA GLU A 143 10.57 15.83 8.56
C GLU A 143 11.82 15.82 9.44
N THR A 144 12.90 16.43 8.95
CA THR A 144 14.15 16.52 9.73
C THR A 144 13.95 17.41 10.98
N PHE A 145 13.10 18.44 10.87
CA PHE A 145 12.81 19.30 12.01
C PHE A 145 12.07 18.54 13.14
N LYS A 146 11.31 17.48 12.79
CA LYS A 146 10.64 16.67 13.79
C LYS A 146 11.65 15.96 14.69
N LEU A 147 12.84 15.60 14.14
CA LEU A 147 13.91 14.91 14.88
C LEU A 147 14.56 15.79 15.96
N SER A 148 14.47 17.12 15.82
CA SER A 148 15.03 18.11 16.74
C SER A 148 14.34 18.12 18.12
N TYR A 149 13.06 17.71 18.17
CA TYR A 149 12.25 17.68 19.40
C TYR A 149 12.65 16.53 20.32
N GLY A 150 12.43 16.73 21.62
CA GLY A 150 12.76 15.76 22.66
C GLY A 150 11.75 14.66 22.85
N ILE A 151 12.20 13.50 23.38
CA ILE A 151 11.40 12.29 23.65
C ILE A 151 10.58 12.43 24.97
N ALA A 152 9.30 12.00 25.00
CA ALA A 152 8.48 12.09 26.22
C ALA A 152 8.22 10.74 26.91
N THR A 153 9.12 10.34 27.83
CA THR A 153 9.05 9.08 28.58
C THR A 153 7.99 9.16 29.72
N VAL A 154 6.99 8.25 29.71
CA VAL A 154 5.90 8.17 30.70
C VAL A 154 6.42 7.99 32.12
N ARG A 155 6.27 9.03 32.96
CA ARG A 155 6.69 8.94 34.34
C ARG A 155 5.60 8.25 35.21
N GLU A 156 4.29 8.33 34.81
CA GLU A 156 3.15 7.72 35.54
C GLU A 156 1.77 7.74 34.78
N VAL A 157 0.76 6.95 35.28
CA VAL A 157 -0.63 6.89 34.79
C VAL A 157 -1.55 7.49 35.86
N LEU A 158 -2.69 8.09 35.46
CA LEU A 158 -3.67 8.59 36.42
C LEU A 158 -4.95 7.74 36.29
N SER A 159 -5.41 7.62 35.04
CA SER A 159 -6.62 6.93 34.69
C SER A 159 -6.57 6.47 33.20
N ASP A 160 -7.75 6.24 32.58
CA ASP A 160 -7.95 5.82 31.20
C ASP A 160 -7.77 6.96 30.17
N ARG A 161 -7.92 8.20 30.62
CA ARG A 161 -7.81 9.35 29.73
C ARG A 161 -6.87 10.45 30.25
N GLU A 162 -6.02 10.16 31.25
CA GLU A 162 -5.07 11.16 31.77
C GLU A 162 -3.72 10.55 32.23
N LEU A 163 -2.61 11.26 31.94
CA LEU A 163 -1.26 10.84 32.35
C LEU A 163 -0.29 12.04 32.59
N HIS A 164 0.93 11.76 33.08
CA HIS A 164 2.00 12.73 33.33
C HIS A 164 3.29 12.27 32.60
N LEU A 165 4.03 13.18 31.92
CA LEU A 165 5.22 12.80 31.14
C LEU A 165 6.55 13.48 31.55
N SER A 166 7.68 12.81 31.28
CA SER A 166 9.01 13.36 31.53
C SER A 166 9.68 13.72 30.19
N TRP A 167 10.06 14.99 30.02
CA TRP A 167 10.65 15.48 28.77
C TRP A 167 12.16 15.44 28.71
N GLU A 168 12.71 15.36 27.49
CA GLU A 168 14.16 15.34 27.28
C GLU A 168 14.73 16.73 27.55
N VAL A 169 15.89 16.77 28.21
CA VAL A 169 16.57 18.02 28.53
C VAL A 169 17.50 18.42 27.37
N GLY A 170 17.54 19.72 27.06
CA GLY A 170 18.37 20.21 25.97
C GLY A 170 17.61 20.34 24.67
N LYS A 171 16.83 19.32 24.32
CA LYS A 171 16.02 19.32 23.10
C LYS A 171 14.66 19.94 23.40
N PRO A 172 14.25 20.96 22.62
CA PRO A 172 12.97 21.62 22.88
C PRO A 172 11.74 20.70 22.85
N ARG A 173 10.68 21.16 23.53
CA ARG A 173 9.40 20.45 23.70
C ARG A 173 8.39 20.81 22.61
N PRO A 174 7.92 19.84 21.79
CA PRO A 174 6.93 20.18 20.74
C PRO A 174 5.58 20.63 21.29
N PRO A 175 4.82 21.54 20.61
CA PRO A 175 3.54 22.01 21.19
C PRO A 175 2.43 20.96 21.30
N LEU A 176 1.78 20.88 22.49
CA LEU A 176 0.71 19.91 22.78
C LEU A 176 -0.69 20.32 22.26
N ASN A 177 -1.05 19.72 21.12
CA ASN A 177 -2.32 19.84 20.41
C ASN A 177 -2.46 18.62 19.48
N ARG A 178 -3.69 18.27 19.08
CA ARG A 178 -3.92 17.13 18.20
C ARG A 178 -3.20 17.21 16.84
N ASN A 179 -2.65 18.40 16.50
CA ASN A 179 -1.89 18.66 15.27
C ASN A 179 -0.63 17.78 15.21
N TYR A 180 0.12 17.70 16.33
CA TYR A 180 1.38 16.95 16.42
C TYR A 180 1.13 15.51 16.92
N VAL A 181 1.13 14.50 16.02
CA VAL A 181 0.85 13.12 16.42
C VAL A 181 2.13 12.32 16.70
N PHE A 182 2.24 11.86 17.92
CA PHE A 182 3.37 11.06 18.36
C PHE A 182 3.15 9.60 18.01
N THR A 183 4.21 8.82 18.05
CA THR A 183 4.16 7.38 17.86
C THR A 183 4.64 6.77 19.17
N GLY A 184 3.76 6.00 19.80
CA GLY A 184 4.03 5.38 21.08
C GLY A 184 4.91 4.16 20.96
N TYR A 185 5.75 3.95 22.00
CA TYR A 185 6.71 2.85 22.13
C TYR A 185 6.84 2.43 23.60
N GLN A 194 6.15 -0.47 20.07
CA GLN A 194 5.28 0.16 19.08
C GLN A 194 3.78 0.08 19.51
N ILE A 195 3.37 0.90 20.52
CA ILE A 195 2.01 0.93 21.09
C ILE A 195 0.99 1.78 20.28
N GLY A 196 1.34 2.12 19.04
CA GLY A 196 0.45 2.88 18.16
C GLY A 196 0.56 4.38 18.32
N GLU A 197 -0.02 5.12 17.37
CA GLU A 197 -0.02 6.58 17.41
C GLU A 197 -0.86 7.11 18.59
N TYR A 198 -0.44 8.25 19.15
CA TYR A 198 -1.12 8.86 20.31
C TYR A 198 -1.20 10.39 20.15
N THR A 199 -2.26 11.01 20.70
CA THR A 199 -2.48 12.46 20.70
C THR A 199 -2.59 13.02 22.14
N PHE A 200 -2.25 14.33 22.36
CA PHE A 200 -2.31 14.96 23.70
C PHE A 200 -3.02 16.34 23.77
N GLU A 201 -3.64 16.63 24.92
CA GLU A 201 -4.31 17.92 25.13
C GLU A 201 -4.09 18.41 26.57
N LYS A 202 -3.52 19.61 26.74
CA LYS A 202 -3.24 20.20 28.04
C LYS A 202 -4.50 20.57 28.83
N ASP A 207 0.21 20.21 36.00
CA ASP A 207 0.87 19.36 35.01
C ASP A 207 -0.09 18.30 34.40
N ALA A 208 -1.42 18.45 34.59
CA ALA A 208 -2.41 17.47 34.11
C ALA A 208 -2.68 17.50 32.60
N VAL A 209 -2.36 16.40 31.91
CA VAL A 209 -2.56 16.27 30.47
C VAL A 209 -3.53 15.12 30.11
N VAL A 210 -4.24 15.26 29.00
CA VAL A 210 -5.20 14.26 28.56
C VAL A 210 -4.53 13.40 27.43
N TYR A 211 -4.34 12.07 27.66
CA TYR A 211 -3.72 11.16 26.69
C TYR A 211 -4.75 10.44 25.80
N ARG A 212 -4.45 10.26 24.49
CA ARG A 212 -5.40 9.62 23.59
C ARG A 212 -4.76 8.72 22.51
N GLY A 213 -4.91 7.42 22.69
CA GLY A 213 -4.34 6.46 21.76
C GLY A 213 -5.22 6.03 20.61
N THR A 214 -4.64 5.98 19.41
CA THR A 214 -5.32 5.46 18.24
C THR A 214 -5.71 3.97 18.47
N THR A 215 -4.93 3.27 19.30
CA THR A 215 -5.11 1.90 19.74
C THR A 215 -5.39 1.94 21.27
N THR A 216 -6.40 1.19 21.77
CA THR A 216 -6.69 1.21 23.22
C THR A 216 -5.67 0.40 24.01
N TYR A 217 -4.79 1.10 24.74
CA TYR A 217 -3.76 0.43 25.49
C TYR A 217 -3.57 0.97 26.89
N LYS A 218 -3.56 0.06 27.87
CA LYS A 218 -3.38 0.33 29.30
C LYS A 218 -2.01 0.95 29.50
N LEU A 219 -1.95 2.30 29.50
CA LEU A 219 -0.76 3.16 29.60
C LEU A 219 0.39 2.58 30.45
N ASN A 220 1.50 2.22 29.76
CA ASN A 220 2.72 1.64 30.34
C ASN A 220 3.67 2.71 30.85
N VAL A 221 4.00 2.66 32.14
CA VAL A 221 4.95 3.61 32.73
C VAL A 221 6.36 3.21 32.27
N GLY A 222 7.08 4.16 31.71
CA GLY A 222 8.41 3.91 31.18
C GLY A 222 8.43 4.04 29.67
N ASP A 223 7.34 3.61 29.00
CA ASP A 223 7.23 3.70 27.55
C ASP A 223 7.35 5.15 27.07
N TYR A 224 7.81 5.36 25.84
CA TYR A 224 8.03 6.70 25.33
C TYR A 224 7.32 7.02 24.00
N PHE A 225 7.08 8.31 23.71
CA PHE A 225 6.44 8.72 22.47
C PHE A 225 7.42 9.52 21.60
N VAL A 226 7.42 9.32 20.26
CA VAL A 226 8.32 10.02 19.30
C VAL A 226 7.54 10.44 18.01
N LEU A 227 7.63 11.73 17.57
CA LEU A 227 6.93 12.20 16.35
C LEU A 227 7.44 11.44 15.14
N THR A 228 6.66 10.45 14.66
CA THR A 228 7.07 9.62 13.55
C THR A 228 7.30 10.38 12.25
N SER A 229 8.54 10.33 11.74
CA SER A 229 8.93 10.99 10.50
C SER A 229 8.82 10.06 9.30
N HIS A 230 7.86 10.33 8.42
CA HIS A 230 7.70 9.55 7.19
C HIS A 230 8.82 9.95 6.22
N THR A 231 9.28 8.99 5.43
CA THR A 231 10.31 9.24 4.42
C THR A 231 9.68 9.98 3.24
N VAL A 232 10.26 11.12 2.85
CA VAL A 232 9.79 11.93 1.73
C VAL A 232 10.22 11.28 0.46
N MET A 233 9.24 10.87 -0.36
CA MET A 233 9.53 10.25 -1.64
C MET A 233 9.69 11.33 -2.71
N PRO A 234 10.37 11.03 -3.82
CA PRO A 234 10.54 12.04 -4.86
C PRO A 234 9.28 12.24 -5.69
N LEU A 235 9.09 13.47 -6.13
CA LEU A 235 7.96 13.84 -6.95
C LEU A 235 8.35 13.71 -8.41
N SER A 236 7.49 13.08 -9.21
CA SER A 236 7.69 12.84 -10.65
C SER A 236 6.63 13.55 -11.48
N ALA A 237 5.35 13.36 -11.10
CA ALA A 237 4.23 13.96 -11.81
C ALA A 237 4.04 15.45 -11.48
N PRO A 238 3.59 16.29 -12.44
CA PRO A 238 3.36 17.72 -12.12
C PRO A 238 2.27 17.92 -11.05
N THR A 239 2.19 19.12 -10.46
CA THR A 239 1.12 19.45 -9.50
C THR A 239 -0.22 19.58 -10.24
N LEU A 240 -0.17 20.11 -11.47
CA LEU A 240 -1.27 20.29 -12.40
C LEU A 240 -0.84 19.75 -13.76
N VAL A 241 -1.59 18.78 -14.30
CA VAL A 241 -1.27 18.26 -15.64
C VAL A 241 -1.44 19.39 -16.69
N PRO A 242 -0.86 19.29 -17.90
CA PRO A 242 -1.06 20.36 -18.90
C PRO A 242 -2.54 20.38 -19.30
N GLN A 243 -3.13 21.59 -19.34
CA GLN A 243 -4.55 21.75 -19.66
C GLN A 243 -4.90 21.39 -21.10
N GLU A 244 -6.05 20.74 -21.30
CA GLU A 244 -6.53 20.40 -22.63
C GLU A 244 -7.95 20.86 -22.74
N HIS A 245 -8.26 21.61 -23.78
CA HIS A 245 -9.62 22.03 -24.02
C HIS A 245 -10.17 21.25 -25.18
N TYR A 246 -11.35 20.70 -25.00
CA TYR A 246 -12.00 19.88 -26.01
C TYR A 246 -13.24 20.60 -26.57
N VAL A 247 -13.68 20.15 -27.73
CA VAL A 247 -14.90 20.68 -28.39
C VAL A 247 -16.14 19.80 -28.13
N ARG A 248 -15.97 18.69 -27.39
CA ARG A 248 -17.00 17.74 -27.03
C ARG A 248 -16.63 17.09 -25.71
N ILE A 249 -17.62 16.53 -25.01
CA ILE A 249 -17.37 15.77 -23.78
C ILE A 249 -16.58 14.50 -24.18
N THR A 250 -15.42 14.31 -23.54
CA THR A 250 -14.48 13.26 -23.87
C THR A 250 -14.50 12.07 -22.91
N GLY A 251 -14.68 10.86 -23.42
CA GLY A 251 -14.67 9.62 -22.64
C GLY A 251 -15.76 9.46 -21.59
N LEU A 252 -16.65 10.45 -21.53
CA LEU A 252 -17.74 10.45 -20.58
C LEU A 252 -19.07 10.48 -21.33
N TYR A 253 -20.07 9.78 -20.79
CA TYR A 253 -21.37 9.69 -21.44
C TYR A 253 -22.49 10.25 -20.54
N PRO A 254 -23.03 11.44 -20.90
CA PRO A 254 -24.07 12.05 -20.06
C PRO A 254 -25.45 11.37 -20.10
N THR A 255 -26.34 11.72 -19.14
CA THR A 255 -27.72 11.21 -19.17
C THR A 255 -28.64 12.35 -19.54
N LEU A 256 -29.68 12.03 -20.28
CA LEU A 256 -30.71 13.00 -20.64
C LEU A 256 -31.76 13.11 -19.50
N ASN A 257 -31.99 11.97 -18.83
CA ASN A 257 -32.85 11.82 -17.67
C ASN A 257 -31.95 12.11 -16.46
N ILE A 258 -31.84 13.39 -16.10
CA ILE A 258 -31.05 13.84 -14.93
C ILE A 258 -31.97 14.58 -13.95
N SER A 259 -32.08 14.07 -12.70
CA SER A 259 -32.98 14.65 -11.70
C SER A 259 -32.81 16.17 -11.51
N ASP A 260 -33.95 16.87 -11.47
CA ASP A 260 -34.02 18.33 -11.33
C ASP A 260 -33.22 18.87 -10.12
N GLU A 261 -32.88 17.99 -9.16
CA GLU A 261 -32.08 18.26 -7.99
C GLU A 261 -30.71 18.82 -8.43
N PHE A 262 -30.12 18.20 -9.47
CA PHE A 262 -28.81 18.51 -10.04
C PHE A 262 -28.86 19.32 -11.34
N SER A 263 -30.06 19.75 -11.77
CA SER A 263 -30.27 20.56 -12.98
C SER A 263 -29.48 21.86 -12.96
N SER A 264 -29.24 22.41 -11.76
CA SER A 264 -28.47 23.64 -11.58
C SER A 264 -27.02 23.49 -12.04
N ASN A 265 -26.47 22.27 -11.96
CA ASN A 265 -25.08 22.04 -12.29
C ASN A 265 -24.84 21.39 -13.63
N VAL A 266 -25.87 21.25 -14.48
CA VAL A 266 -25.77 20.60 -15.80
C VAL A 266 -24.74 21.26 -16.74
N ALA A 267 -24.80 22.61 -16.88
CA ALA A 267 -23.87 23.31 -17.75
C ALA A 267 -22.41 23.13 -17.25
N ASN A 268 -22.21 23.16 -15.92
CA ASN A 268 -20.89 22.97 -15.32
C ASN A 268 -20.39 21.52 -15.40
N TYR A 269 -21.29 20.50 -15.36
CA TYR A 269 -20.87 19.11 -15.54
C TYR A 269 -20.40 18.89 -16.97
N GLN A 270 -20.94 19.66 -17.95
CA GLN A 270 -20.54 19.57 -19.35
C GLN A 270 -19.18 20.22 -19.53
N LYS A 271 -18.93 21.37 -18.85
CA LYS A 271 -17.65 22.08 -18.83
C LYS A 271 -16.56 21.11 -18.33
N VAL A 272 -16.88 20.28 -17.31
CA VAL A 272 -16.03 19.21 -16.73
C VAL A 272 -15.57 18.16 -17.80
N GLY A 273 -16.45 17.80 -18.75
CA GLY A 273 -16.14 16.86 -19.82
C GLY A 273 -15.45 17.48 -21.03
N MET A 274 -15.42 18.82 -21.11
CA MET A 274 -14.78 19.52 -22.23
C MET A 274 -13.46 20.20 -21.91
N GLN A 275 -12.80 19.75 -20.82
CA GLN A 275 -11.51 20.25 -20.33
C GLN A 275 -10.77 19.06 -19.66
N LYS A 276 -9.44 19.07 -19.61
CA LYS A 276 -8.70 17.99 -18.94
C LYS A 276 -8.89 18.13 -17.40
N TYR A 277 -8.76 19.36 -16.90
CA TYR A 277 -8.96 19.67 -15.49
C TYR A 277 -9.85 20.91 -15.37
N SER A 278 -10.54 21.02 -14.23
CA SER A 278 -11.43 22.17 -13.96
C SER A 278 -11.38 22.59 -12.50
N THR A 279 -11.52 23.90 -12.23
CA THR A 279 -11.51 24.39 -10.84
C THR A 279 -12.92 24.88 -10.38
N LEU A 280 -13.30 24.49 -9.18
CA LEU A 280 -14.56 24.91 -8.61
C LEU A 280 -14.34 25.63 -7.28
N GLN A 281 -14.70 26.94 -7.25
CA GLN A 281 -14.63 27.70 -6.02
C GLN A 281 -16.04 27.73 -5.43
N GLY A 282 -16.16 27.08 -4.28
CA GLY A 282 -17.42 27.03 -3.57
C GLY A 282 -17.26 27.58 -2.18
N PRO A 283 -17.68 28.85 -1.96
CA PRO A 283 -17.74 29.38 -0.59
C PRO A 283 -18.50 28.43 0.38
N PRO A 284 -18.52 28.66 1.71
CA PRO A 284 -19.21 27.71 2.60
C PRO A 284 -20.70 27.55 2.29
N GLY A 285 -21.17 26.30 2.26
CA GLY A 285 -22.58 26.01 2.07
C GLY A 285 -23.21 26.29 0.71
N THR A 286 -22.37 26.39 -0.34
CA THR A 286 -22.84 26.66 -1.70
C THR A 286 -23.14 25.41 -2.55
N GLY A 287 -22.83 24.22 -2.04
CA GLY A 287 -23.13 22.97 -2.74
C GLY A 287 -21.99 22.18 -3.35
N LYS A 288 -20.80 22.23 -2.75
CA LYS A 288 -19.64 21.51 -3.26
C LYS A 288 -19.85 19.99 -3.26
N SER A 289 -20.26 19.41 -2.12
CA SER A 289 -20.44 17.98 -2.01
C SER A 289 -21.53 17.50 -2.95
N HIS A 290 -22.63 18.29 -3.06
CA HIS A 290 -23.76 18.06 -3.93
C HIS A 290 -23.26 18.02 -5.38
N PHE A 291 -22.47 19.03 -5.80
CA PHE A 291 -21.87 19.13 -7.13
C PHE A 291 -21.01 17.91 -7.40
N ALA A 292 -20.10 17.58 -6.48
CA ALA A 292 -19.23 16.43 -6.62
C ALA A 292 -20.00 15.10 -6.80
N ILE A 293 -21.07 14.85 -6.01
CA ILE A 293 -21.85 13.60 -6.10
C ILE A 293 -22.77 13.59 -7.34
N GLY A 294 -23.30 14.74 -7.69
CA GLY A 294 -24.16 14.88 -8.86
C GLY A 294 -23.46 14.68 -10.19
N LEU A 295 -22.16 14.89 -10.21
CA LEU A 295 -21.33 14.66 -11.38
C LEU A 295 -21.35 13.14 -11.71
N ALA A 296 -21.51 12.24 -10.70
CA ALA A 296 -21.61 10.78 -10.86
C ALA A 296 -22.96 10.37 -11.45
N LEU A 297 -24.02 11.09 -11.08
CA LEU A 297 -25.34 10.85 -11.64
C LEU A 297 -25.41 11.39 -13.10
N TYR A 298 -24.66 12.46 -13.41
CA TYR A 298 -24.61 12.99 -14.76
C TYR A 298 -23.81 12.12 -15.72
N TYR A 299 -22.67 11.54 -15.32
CA TYR A 299 -21.90 10.60 -16.15
C TYR A 299 -22.03 9.27 -15.43
N PRO A 300 -23.16 8.58 -15.62
CA PRO A 300 -23.49 7.43 -14.77
C PRO A 300 -22.63 6.19 -14.88
N SER A 301 -21.99 5.97 -16.04
CA SER A 301 -21.12 4.80 -16.23
C SER A 301 -19.62 5.09 -15.94
N ALA A 302 -19.29 6.37 -15.66
CA ALA A 302 -17.95 6.82 -15.38
C ALA A 302 -17.44 6.43 -13.98
N ARG A 303 -16.26 5.81 -13.91
CA ARG A 303 -15.60 5.44 -12.66
C ARG A 303 -15.03 6.73 -12.04
N ILE A 304 -15.44 7.04 -10.80
CA ILE A 304 -14.99 8.27 -10.16
C ILE A 304 -14.22 8.00 -8.89
N VAL A 305 -13.04 8.61 -8.80
CA VAL A 305 -12.26 8.49 -7.60
C VAL A 305 -12.34 9.82 -6.88
N TYR A 306 -12.88 9.77 -5.66
CA TYR A 306 -13.09 10.89 -4.76
C TYR A 306 -11.97 10.94 -3.73
N THR A 307 -11.22 12.03 -3.76
CA THR A 307 -10.06 12.20 -2.91
C THR A 307 -10.03 13.55 -2.20
N ALA A 308 -9.31 13.60 -1.09
CA ALA A 308 -9.08 14.77 -0.24
C ALA A 308 -7.87 14.47 0.69
N CYS A 309 -7.31 15.48 1.37
CA CYS A 309 -6.16 15.24 2.25
C CYS A 309 -6.56 14.61 3.57
N SER A 310 -7.68 15.09 4.14
CA SER A 310 -8.13 14.58 5.43
C SER A 310 -9.14 13.44 5.36
N HIS A 311 -9.21 12.65 6.44
CA HIS A 311 -10.18 11.58 6.53
C HIS A 311 -11.59 12.15 6.64
N ALA A 312 -11.75 13.30 7.33
CA ALA A 312 -13.05 13.97 7.48
C ALA A 312 -13.61 14.47 6.15
N ALA A 313 -12.76 14.98 5.25
CA ALA A 313 -13.23 15.45 3.95
C ALA A 313 -13.62 14.28 3.07
N VAL A 314 -12.92 13.13 3.17
CA VAL A 314 -13.31 11.94 2.39
C VAL A 314 -14.64 11.36 2.92
N ASP A 315 -14.80 11.33 4.27
CA ASP A 315 -16.00 10.89 5.03
C ASP A 315 -17.25 11.74 4.68
N ALA A 316 -17.05 13.06 4.55
CA ALA A 316 -18.11 13.99 4.16
C ALA A 316 -18.59 13.72 2.72
N LEU A 317 -17.67 13.27 1.81
CA LEU A 317 -18.06 12.89 0.43
C LEU A 317 -18.85 11.57 0.44
N CYS A 318 -18.44 10.62 1.33
CA CYS A 318 -19.07 9.30 1.54
C CYS A 318 -20.53 9.49 2.05
N GLU A 319 -20.75 10.47 2.95
CA GLU A 319 -22.08 10.76 3.48
C GLU A 319 -23.02 11.25 2.40
N LYS A 320 -22.51 12.06 1.44
CA LYS A 320 -23.32 12.54 0.33
C LYS A 320 -23.54 11.44 -0.73
N ALA A 321 -22.54 10.57 -0.95
CA ALA A 321 -22.67 9.48 -1.91
C ALA A 321 -23.66 8.43 -1.42
N LEU A 322 -23.66 8.16 -0.10
CA LEU A 322 -24.55 7.20 0.55
C LEU A 322 -26.06 7.52 0.27
N LYS A 323 -26.36 8.82 0.14
CA LYS A 323 -27.70 9.33 -0.12
C LYS A 323 -28.12 9.19 -1.61
N TYR A 324 -27.21 9.42 -2.60
CA TYR A 324 -27.57 9.41 -4.03
C TYR A 324 -27.03 8.27 -4.91
N LEU A 325 -25.86 7.72 -4.56
CA LEU A 325 -25.19 6.68 -5.36
C LEU A 325 -25.40 5.28 -4.78
N PRO A 326 -25.43 4.24 -5.64
CA PRO A 326 -25.66 2.88 -5.13
C PRO A 326 -24.54 2.41 -4.21
N ILE A 327 -24.89 2.01 -2.97
CA ILE A 327 -23.98 1.57 -1.90
C ILE A 327 -23.05 0.38 -2.29
N ASP A 328 -23.35 -0.31 -3.42
CA ASP A 328 -22.56 -1.47 -3.84
C ASP A 328 -21.31 -1.06 -4.59
N LYS A 329 -21.42 -0.06 -5.47
CA LYS A 329 -20.26 0.40 -6.21
C LYS A 329 -19.41 1.40 -5.43
N CYS A 330 -19.64 1.54 -4.12
CA CYS A 330 -18.87 2.44 -3.28
C CYS A 330 -17.92 1.72 -2.34
N SER A 331 -16.67 2.13 -2.41
CA SER A 331 -15.66 1.58 -1.54
C SER A 331 -14.89 2.69 -0.84
N ARG A 332 -14.68 2.54 0.48
CA ARG A 332 -13.90 3.47 1.29
C ARG A 332 -12.51 2.81 1.52
N ILE A 333 -11.43 3.41 0.97
CA ILE A 333 -10.07 2.87 1.11
C ILE A 333 -9.45 3.36 2.41
N ILE A 334 -9.09 2.41 3.27
CA ILE A 334 -8.52 2.65 4.59
C ILE A 334 -7.08 2.14 4.59
N PRO A 335 -6.07 2.99 4.87
CA PRO A 335 -4.69 2.49 4.93
C PRO A 335 -4.55 1.45 6.03
N ALA A 336 -3.87 0.32 5.74
CA ALA A 336 -3.68 -0.80 6.68
C ALA A 336 -3.25 -0.32 8.07
N ARG A 337 -2.50 0.80 8.12
CA ARG A 337 -2.06 1.46 9.35
C ARG A 337 -3.09 2.56 9.68
N ALA A 338 -4.27 2.12 10.18
CA ALA A 338 -5.39 2.98 10.55
C ALA A 338 -5.06 3.82 11.78
N ARG A 339 -5.28 5.13 11.66
CA ARG A 339 -4.97 6.12 12.70
C ARG A 339 -6.26 6.65 13.36
N VAL A 340 -7.18 7.24 12.58
CA VAL A 340 -8.45 7.73 13.13
C VAL A 340 -9.65 7.00 12.54
N GLU A 341 -10.77 6.99 13.29
CA GLU A 341 -12.06 6.42 12.91
C GLU A 341 -12.63 7.15 11.70
N CYS A 342 -13.02 6.39 10.69
CA CYS A 342 -13.62 6.94 9.48
C CYS A 342 -14.91 6.16 9.06
N PHE A 343 -15.44 6.43 7.86
CA PHE A 343 -16.65 5.87 7.30
C PHE A 343 -16.70 4.34 7.31
N ASP A 344 -17.79 3.76 7.88
CA ASP A 344 -17.98 2.31 8.01
C ASP A 344 -19.12 1.73 7.17
N LYS A 345 -19.77 2.52 6.29
CA LYS A 345 -20.94 2.03 5.56
C LYS A 345 -20.69 1.58 4.10
N PHE A 346 -19.44 1.58 3.63
CA PHE A 346 -19.11 1.06 2.28
C PHE A 346 -18.27 -0.21 2.42
N LYS A 347 -18.20 -1.07 1.36
CA LYS A 347 -17.32 -2.24 1.42
C LYS A 347 -15.86 -1.69 1.42
N VAL A 348 -15.09 -1.95 2.49
CA VAL A 348 -13.73 -1.39 2.67
C VAL A 348 -12.63 -2.06 1.80
N ASN A 349 -11.73 -1.22 1.23
CA ASN A 349 -10.53 -1.57 0.48
C ASN A 349 -10.76 -2.31 -0.86
N SER A 350 -11.98 -2.24 -1.40
CA SER A 350 -12.27 -2.84 -2.70
C SER A 350 -11.90 -1.78 -3.75
N THR A 351 -10.62 -1.72 -4.12
CA THR A 351 -10.05 -0.76 -5.09
C THR A 351 -10.77 -0.72 -6.45
N LEU A 352 -11.35 -1.84 -6.88
CA LEU A 352 -11.98 -1.92 -8.19
C LEU A 352 -13.46 -1.49 -8.26
N GLU A 353 -14.03 -0.91 -7.17
CA GLU A 353 -15.41 -0.43 -7.23
C GLU A 353 -15.51 0.82 -8.12
N GLN A 354 -16.68 1.08 -8.69
CA GLN A 354 -16.89 2.23 -9.56
C GLN A 354 -16.61 3.58 -8.85
N TYR A 355 -17.00 3.69 -7.58
CA TYR A 355 -16.82 4.89 -6.78
C TYR A 355 -15.88 4.61 -5.64
N VAL A 356 -14.68 5.20 -5.71
CA VAL A 356 -13.68 4.98 -4.69
C VAL A 356 -13.40 6.24 -3.91
N PHE A 357 -13.58 6.17 -2.61
CA PHE A 357 -13.37 7.29 -1.71
C PHE A 357 -12.10 6.97 -0.93
N CYS A 358 -11.11 7.87 -0.99
CA CYS A 358 -9.80 7.62 -0.39
C CYS A 358 -8.98 8.91 -0.16
N THR A 359 -8.22 8.98 0.96
CA THR A 359 -7.34 10.13 1.22
C THR A 359 -6.12 10.08 0.25
N VAL A 360 -5.50 11.24 -0.06
CA VAL A 360 -4.33 11.30 -0.95
C VAL A 360 -3.20 10.32 -0.56
N ASN A 361 -2.82 10.30 0.74
CA ASN A 361 -1.73 9.44 1.28
C ASN A 361 -2.02 7.91 1.17
N ALA A 362 -3.28 7.51 0.93
CA ALA A 362 -3.65 6.09 0.83
C ALA A 362 -4.05 5.63 -0.59
N LEU A 363 -4.04 6.54 -1.59
CA LEU A 363 -4.42 6.26 -2.96
C LEU A 363 -3.64 5.11 -3.55
N PRO A 364 -4.34 4.16 -4.16
CA PRO A 364 -3.63 3.09 -4.88
C PRO A 364 -3.23 3.56 -6.29
N GLU A 365 -2.46 2.72 -6.99
CA GLU A 365 -2.03 3.05 -8.36
C GLU A 365 -3.11 2.54 -9.28
N THR A 366 -3.98 3.45 -9.71
CA THR A 366 -5.14 3.10 -10.54
C THR A 366 -5.51 4.24 -11.52
N THR A 367 -6.41 3.95 -12.45
CA THR A 367 -6.90 4.91 -13.43
C THR A 367 -8.38 5.22 -13.21
N ALA A 368 -8.84 6.37 -13.71
CA ALA A 368 -10.24 6.75 -13.53
C ALA A 368 -10.81 7.57 -14.71
N ASP A 369 -12.13 7.61 -14.85
CA ASP A 369 -12.77 8.43 -15.87
C ASP A 369 -12.78 9.89 -15.38
N ILE A 370 -13.06 10.08 -14.08
CA ILE A 370 -13.02 11.37 -13.38
C ILE A 370 -12.34 11.16 -12.02
N VAL A 371 -11.56 12.16 -11.61
CA VAL A 371 -10.96 12.22 -10.29
C VAL A 371 -11.47 13.54 -9.69
N VAL A 372 -12.06 13.46 -8.49
CA VAL A 372 -12.53 14.65 -7.80
C VAL A 372 -11.61 14.83 -6.60
N PHE A 373 -10.99 16.02 -6.47
CA PHE A 373 -10.11 16.37 -5.35
C PHE A 373 -10.84 17.51 -4.62
N ASP A 374 -11.36 17.23 -3.40
CA ASP A 374 -12.12 18.20 -2.59
C ASP A 374 -11.22 18.83 -1.51
N GLU A 375 -11.69 19.98 -0.93
CA GLU A 375 -10.99 20.77 0.11
C GLU A 375 -9.59 21.14 -0.43
N ILE A 376 -9.55 21.73 -1.66
CA ILE A 376 -8.32 22.04 -2.38
C ILE A 376 -7.49 23.09 -1.67
N SER A 377 -8.06 23.96 -0.83
CA SER A 377 -7.23 24.94 -0.08
C SER A 377 -6.28 24.25 0.94
N MET A 378 -6.65 23.03 1.41
CA MET A 378 -5.88 22.18 2.34
C MET A 378 -4.74 21.40 1.70
N ALA A 379 -4.71 21.33 0.36
CA ALA A 379 -3.69 20.59 -0.34
C ALA A 379 -2.42 21.43 -0.46
N THR A 380 -1.29 20.73 -0.49
CA THR A 380 0.04 21.28 -0.75
C THR A 380 0.40 20.84 -2.20
N ASN A 381 1.46 21.41 -2.77
CA ASN A 381 1.87 20.98 -4.10
C ASN A 381 2.39 19.52 -4.08
N TYR A 382 2.87 19.05 -2.90
CA TYR A 382 3.31 17.68 -2.72
C TYR A 382 2.10 16.74 -2.93
N ASP A 383 0.94 17.06 -2.31
CA ASP A 383 -0.32 16.30 -2.44
C ASP A 383 -0.83 16.32 -3.89
N LEU A 384 -0.81 17.53 -4.52
CA LEU A 384 -1.20 17.74 -5.92
C LEU A 384 -0.40 16.84 -6.88
N SER A 385 0.92 16.72 -6.64
CA SER A 385 1.81 15.90 -7.46
C SER A 385 1.56 14.40 -7.25
N VAL A 386 1.36 13.97 -5.97
CA VAL A 386 1.10 12.58 -5.58
C VAL A 386 -0.17 12.08 -6.28
N VAL A 387 -1.22 12.92 -6.30
CA VAL A 387 -2.46 12.56 -6.96
C VAL A 387 -2.22 12.31 -8.46
N ASN A 388 -1.47 13.22 -9.14
CA ASN A 388 -1.17 13.05 -10.56
C ASN A 388 -0.28 11.81 -10.87
N ALA A 389 0.47 11.32 -9.86
CA ALA A 389 1.34 10.17 -9.97
C ALA A 389 0.63 8.82 -9.69
N ARG A 390 -0.35 8.80 -8.77
CA ARG A 390 -1.05 7.54 -8.42
C ARG A 390 -2.35 7.30 -9.27
N LEU A 391 -2.92 8.39 -9.78
CA LEU A 391 -4.14 8.37 -10.59
C LEU A 391 -3.96 8.94 -12.01
N ARG A 392 -4.31 8.13 -13.04
CA ARG A 392 -4.28 8.55 -14.43
C ARG A 392 -5.73 8.67 -14.88
N ALA A 393 -6.23 9.91 -15.02
CA ALA A 393 -7.64 10.17 -15.32
C ALA A 393 -7.92 10.92 -16.63
N LYS A 394 -9.14 10.74 -17.17
CA LYS A 394 -9.57 11.47 -18.35
C LYS A 394 -9.85 12.94 -17.95
N HIS A 395 -10.48 13.14 -16.76
CA HIS A 395 -10.82 14.46 -16.24
C HIS A 395 -10.52 14.60 -14.76
N TYR A 396 -10.04 15.76 -14.36
CA TYR A 396 -9.66 16.04 -12.98
C TYR A 396 -10.45 17.26 -12.49
N VAL A 397 -11.16 17.12 -11.37
CA VAL A 397 -11.94 18.25 -10.84
C VAL A 397 -11.41 18.64 -9.48
N TYR A 398 -11.05 19.93 -9.33
CA TYR A 398 -10.50 20.47 -8.09
C TYR A 398 -11.52 21.33 -7.45
N ILE A 399 -12.04 20.86 -6.33
CA ILE A 399 -13.08 21.55 -5.56
C ILE A 399 -12.54 22.09 -4.22
N GLY A 400 -12.92 23.32 -3.92
CA GLY A 400 -12.51 23.95 -2.68
C GLY A 400 -12.80 25.43 -2.68
N ASP A 401 -12.06 26.19 -1.88
CA ASP A 401 -12.26 27.63 -1.76
C ASP A 401 -10.96 28.25 -1.21
N PRO A 402 -10.28 29.13 -1.98
CA PRO A 402 -9.06 29.76 -1.47
C PRO A 402 -9.28 30.75 -0.31
N ALA A 403 -10.54 31.02 0.03
CA ALA A 403 -10.92 31.86 1.18
C ALA A 403 -11.11 31.05 2.49
N GLN A 404 -10.86 29.75 2.44
CA GLN A 404 -10.89 28.90 3.60
C GLN A 404 -9.44 28.56 4.03
N LEU A 405 -9.28 27.70 5.02
CA LEU A 405 -7.99 27.41 5.61
C LEU A 405 -7.08 26.52 4.81
N PRO A 406 -5.78 26.93 4.73
CA PRO A 406 -4.78 26.10 4.05
C PRO A 406 -4.18 25.03 5.00
N ALA A 407 -3.29 24.15 4.46
CA ALA A 407 -2.60 23.19 5.28
C ALA A 407 -1.64 23.95 6.21
N PRO A 408 -1.50 23.53 7.48
CA PRO A 408 -0.56 24.23 8.37
C PRO A 408 0.89 24.03 7.92
N ARG A 409 1.62 25.13 7.73
CA ARG A 409 3.03 25.05 7.32
C ARG A 409 3.84 25.17 8.59
N THR A 410 4.23 24.01 9.15
CA THR A 410 4.93 23.90 10.43
C THR A 410 6.17 24.77 10.53
N LEU A 411 7.06 24.76 9.53
CA LEU A 411 8.28 25.55 9.58
C LEU A 411 8.07 27.05 9.41
N LEU A 412 6.93 27.46 8.86
CA LEU A 412 6.67 28.87 8.62
C LEU A 412 6.35 29.69 9.87
N THR A 413 7.26 30.63 10.22
CA THR A 413 7.13 31.48 11.41
C THR A 413 7.16 32.99 11.09
N LYS A 414 7.75 33.37 9.95
CA LYS A 414 7.86 34.78 9.57
C LYS A 414 7.08 35.10 8.30
N GLY A 415 6.16 36.04 8.39
CA GLY A 415 5.36 36.45 7.25
C GLY A 415 4.05 35.69 7.17
N THR A 416 3.12 36.21 6.35
CA THR A 416 1.83 35.54 6.18
C THR A 416 1.66 35.02 4.73
N LEU A 417 1.16 33.80 4.61
CA LEU A 417 0.92 33.15 3.34
C LEU A 417 -0.46 33.46 2.75
N GLU A 418 -0.49 34.21 1.64
CA GLU A 418 -1.73 34.57 0.96
C GLU A 418 -2.35 33.38 0.18
N PRO A 419 -3.70 33.37 -0.01
CA PRO A 419 -4.38 32.26 -0.73
C PRO A 419 -3.81 31.86 -2.09
N GLU A 420 -3.37 32.85 -2.89
CA GLU A 420 -2.74 32.57 -4.19
C GLU A 420 -1.44 31.76 -4.10
N TYR A 421 -0.92 31.57 -2.88
CA TYR A 421 0.30 30.82 -2.65
C TYR A 421 0.06 29.47 -1.89
N PHE A 422 -1.21 29.03 -1.68
CA PHE A 422 -1.51 27.78 -0.96
C PHE A 422 -1.06 26.57 -1.76
N ASN A 423 -1.42 26.55 -3.04
CA ASN A 423 -1.04 25.50 -3.99
C ASN A 423 -1.25 26.05 -5.43
N SER A 424 -0.99 25.22 -6.46
CA SER A 424 -1.10 25.59 -7.88
C SER A 424 -2.55 25.90 -8.27
N VAL A 425 -3.49 25.11 -7.72
CA VAL A 425 -4.92 25.24 -7.97
C VAL A 425 -5.43 26.57 -7.37
N CYS A 426 -5.04 26.88 -6.12
CA CYS A 426 -5.41 28.14 -5.46
C CYS A 426 -4.82 29.33 -6.17
N ARG A 427 -3.58 29.18 -6.67
CA ARG A 427 -2.90 30.18 -7.45
C ARG A 427 -3.77 30.56 -8.68
N LEU A 428 -4.23 29.53 -9.42
CA LEU A 428 -5.11 29.75 -10.56
C LEU A 428 -6.42 30.42 -10.14
N MET A 429 -7.14 29.85 -9.13
CA MET A 429 -8.40 30.43 -8.66
C MET A 429 -8.31 31.90 -8.23
N LYS A 430 -7.16 32.32 -7.68
CA LYS A 430 -6.98 33.70 -7.22
C LYS A 430 -6.44 34.66 -8.28
N THR A 431 -5.88 34.14 -9.38
CA THR A 431 -5.32 35.02 -10.42
C THR A 431 -6.24 35.10 -11.66
N ILE A 432 -6.41 33.97 -12.39
CA ILE A 432 -7.26 33.85 -13.60
C ILE A 432 -8.74 33.56 -13.26
N GLY A 433 -9.05 33.34 -11.97
CA GLY A 433 -10.38 33.00 -11.51
C GLY A 433 -10.67 31.52 -11.62
N PRO A 434 -11.67 31.02 -10.89
CA PRO A 434 -12.01 29.60 -10.99
C PRO A 434 -12.87 29.32 -12.25
N ASP A 435 -12.79 28.08 -12.78
CA ASP A 435 -13.59 27.72 -13.96
C ASP A 435 -15.09 27.79 -13.64
N MET A 436 -15.46 27.37 -12.42
CA MET A 436 -16.84 27.36 -11.95
C MET A 436 -16.93 27.98 -10.52
N PHE A 437 -17.98 28.76 -10.25
CA PHE A 437 -18.19 29.42 -8.94
C PHE A 437 -19.62 29.21 -8.45
N LEU A 438 -19.80 28.54 -7.25
CA LEU A 438 -21.10 28.32 -6.61
C LEU A 438 -21.41 29.59 -5.80
N GLY A 439 -22.26 30.45 -6.34
CA GLY A 439 -22.52 31.76 -5.75
C GLY A 439 -23.63 31.93 -4.73
N THR A 440 -24.39 30.86 -4.42
CA THR A 440 -25.45 31.01 -3.43
C THR A 440 -25.21 30.15 -2.25
N CYS A 441 -24.99 30.79 -1.09
CA CYS A 441 -24.82 30.09 0.18
C CYS A 441 -26.20 29.73 0.75
N ARG A 442 -26.49 28.44 0.83
CA ARG A 442 -27.76 27.97 1.35
C ARG A 442 -27.75 27.66 2.85
N ARG A 443 -26.60 27.73 3.51
CA ARG A 443 -26.50 27.37 4.92
C ARG A 443 -26.74 28.47 5.93
N CYS A 444 -26.08 29.61 5.73
CA CYS A 444 -26.00 30.63 6.76
C CYS A 444 -27.09 31.66 6.73
N PRO A 445 -27.43 32.20 7.93
CA PRO A 445 -28.35 33.35 7.97
C PRO A 445 -27.73 34.54 7.20
N ALA A 446 -28.55 35.38 6.56
CA ALA A 446 -28.03 36.50 5.76
C ALA A 446 -26.98 37.40 6.44
N GLU A 447 -27.06 37.65 7.78
CA GLU A 447 -26.06 38.47 8.48
C GLU A 447 -24.62 37.96 8.25
N ILE A 448 -24.45 36.62 8.35
CA ILE A 448 -23.21 35.93 8.16
C ILE A 448 -22.80 35.98 6.69
N VAL A 449 -23.73 35.69 5.75
CA VAL A 449 -23.45 35.68 4.31
C VAL A 449 -22.96 37.06 3.81
N ASP A 450 -23.64 38.14 4.26
CA ASP A 450 -23.31 39.50 3.88
C ASP A 450 -21.93 39.93 4.42
N THR A 451 -21.51 39.37 5.58
CA THR A 451 -20.22 39.67 6.20
C THR A 451 -19.06 39.03 5.42
N VAL A 452 -19.12 37.71 5.14
CA VAL A 452 -18.06 37.00 4.45
C VAL A 452 -18.01 37.35 2.95
N SER A 453 -19.15 37.68 2.34
CA SER A 453 -19.22 38.08 0.94
C SER A 453 -18.39 39.35 0.75
N ALA A 454 -18.56 40.34 1.64
CA ALA A 454 -17.77 41.58 1.58
C ALA A 454 -16.32 41.41 2.08
N LEU A 455 -16.09 40.45 2.95
CA LEU A 455 -14.78 40.22 3.54
C LEU A 455 -13.84 39.49 2.58
N VAL A 456 -14.25 38.33 2.03
CA VAL A 456 -13.37 37.51 1.21
C VAL A 456 -13.87 37.18 -0.21
N TYR A 457 -15.14 37.49 -0.56
CA TYR A 457 -15.67 37.10 -1.87
C TYR A 457 -16.05 38.25 -2.82
N ASP A 458 -15.51 39.47 -2.60
CA ASP A 458 -15.79 40.68 -3.39
C ASP A 458 -17.26 40.87 -3.75
N ASN A 459 -18.12 40.63 -2.78
CA ASN A 459 -19.56 40.80 -2.86
C ASN A 459 -20.28 39.93 -3.89
N LYS A 460 -19.69 38.78 -4.25
CA LYS A 460 -20.28 37.86 -5.23
C LYS A 460 -20.95 36.62 -4.61
N LEU A 461 -20.93 36.51 -3.27
CA LEU A 461 -21.62 35.42 -2.57
C LEU A 461 -22.98 36.00 -2.15
N LYS A 462 -24.06 35.30 -2.48
CA LYS A 462 -25.41 35.77 -2.16
C LYS A 462 -26.10 34.91 -1.10
N ALA A 463 -27.04 35.53 -0.33
CA ALA A 463 -27.75 34.79 0.73
C ALA A 463 -29.03 34.17 0.24
N HIS A 464 -29.19 32.87 0.45
CA HIS A 464 -30.43 32.18 0.14
C HIS A 464 -31.36 32.36 1.37
N LYS A 465 -30.85 32.09 2.60
CA LYS A 465 -31.62 32.27 3.81
C LYS A 465 -31.84 33.75 4.08
N ASP A 466 -32.87 34.03 4.87
CA ASP A 466 -33.19 35.37 5.34
C ASP A 466 -32.23 35.64 6.55
N LYS A 467 -32.25 36.87 7.10
CA LYS A 467 -31.51 37.17 8.32
C LYS A 467 -32.24 36.41 9.47
N SER A 468 -31.50 35.65 10.26
CA SER A 468 -32.10 34.88 11.36
C SER A 468 -32.45 35.74 12.57
N ALA A 469 -31.85 36.95 12.71
CA ALA A 469 -31.88 37.85 13.87
C ALA A 469 -31.36 37.15 15.14
N GLN A 470 -30.44 36.19 14.94
CA GLN A 470 -29.79 35.39 15.97
C GLN A 470 -28.26 35.48 15.80
N CYS A 471 -27.75 36.63 15.28
CA CYS A 471 -26.34 36.82 15.01
C CYS A 471 -25.94 38.01 15.79
N PHE A 472 -25.16 37.76 16.83
CA PHE A 472 -24.74 38.75 17.80
C PHE A 472 -23.22 38.83 17.86
N LYS A 473 -22.75 40.05 18.13
CA LYS A 473 -21.36 40.41 18.23
C LYS A 473 -21.16 41.27 19.51
N MET A 474 -20.08 41.00 20.25
CA MET A 474 -19.81 41.70 21.49
C MET A 474 -18.36 42.06 21.53
N PHE A 475 -18.06 43.35 21.73
CA PHE A 475 -16.67 43.79 21.75
C PHE A 475 -16.15 43.69 23.19
N TYR A 476 -15.30 42.70 23.46
CA TYR A 476 -14.81 42.45 24.80
C TYR A 476 -13.38 41.88 24.77
N LYS A 477 -12.35 42.71 25.05
CA LYS A 477 -10.95 42.22 24.99
C LYS A 477 -10.60 41.19 26.11
N GLY A 478 -11.24 41.30 27.28
CA GLY A 478 -11.03 40.41 28.41
C GLY A 478 -9.62 40.46 28.95
N VAL A 479 -9.05 39.27 29.23
CA VAL A 479 -7.73 39.11 29.79
C VAL A 479 -7.11 37.92 29.10
N ILE A 480 -5.93 38.14 28.49
CA ILE A 480 -5.26 37.09 27.76
C ILE A 480 -4.18 36.43 28.60
N THR A 481 -4.37 35.18 28.91
CA THR A 481 -3.36 34.38 29.58
C THR A 481 -2.83 33.37 28.54
N HIS A 482 -1.66 32.74 28.76
CA HIS A 482 -1.16 31.75 27.80
C HIS A 482 -0.79 30.42 28.44
N ASP A 483 -1.07 29.32 27.75
CA ASP A 483 -0.76 27.94 28.15
C ASP A 483 0.41 27.59 27.23
N VAL A 484 1.57 28.20 27.53
CA VAL A 484 2.79 28.14 26.73
C VAL A 484 2.66 29.27 25.65
N SER A 485 2.09 28.98 24.46
CA SER A 485 1.86 29.92 23.36
C SER A 485 0.37 29.97 22.98
N SER A 486 -0.35 28.84 23.19
CA SER A 486 -1.78 28.71 22.94
C SER A 486 -2.49 29.57 24.02
N ALA A 487 -3.34 30.48 23.57
CA ALA A 487 -3.97 31.48 24.41
C ALA A 487 -5.32 31.11 25.04
N ILE A 488 -5.57 31.67 26.22
CA ILE A 488 -6.78 31.50 27.00
C ILE A 488 -7.32 32.92 27.35
N ASN A 489 -8.64 33.09 27.30
CA ASN A 489 -9.32 34.34 27.66
C ASN A 489 -10.52 33.99 28.52
N ARG A 490 -10.29 33.79 29.83
CA ARG A 490 -11.33 33.47 30.81
C ARG A 490 -12.45 34.51 30.88
N PRO A 491 -12.19 35.84 30.91
CA PRO A 491 -13.32 36.79 30.89
C PRO A 491 -14.25 36.64 29.63
N GLN A 492 -13.72 36.14 28.48
CA GLN A 492 -14.54 35.90 27.28
C GLN A 492 -15.43 34.66 27.48
N ILE A 493 -14.92 33.64 28.17
CA ILE A 493 -15.71 32.45 28.52
C ILE A 493 -16.77 32.79 29.61
N GLY A 494 -16.44 33.72 30.50
CA GLY A 494 -17.32 34.24 31.52
C GLY A 494 -18.45 35.05 30.94
N VAL A 495 -18.17 35.78 29.86
CA VAL A 495 -19.22 36.54 29.15
C VAL A 495 -20.21 35.55 28.46
N VAL A 496 -19.70 34.45 27.89
CA VAL A 496 -20.48 33.40 27.24
C VAL A 496 -21.34 32.67 28.26
N ARG A 497 -20.81 32.45 29.47
CA ARG A 497 -21.53 31.81 30.58
C ARG A 497 -22.76 32.67 30.99
N GLU A 498 -22.56 34.00 31.13
CA GLU A 498 -23.64 34.94 31.47
C GLU A 498 -24.71 35.02 30.36
N PHE A 499 -24.28 34.99 29.10
CA PHE A 499 -25.17 34.98 27.95
C PHE A 499 -26.01 33.68 27.95
N LEU A 500 -25.36 32.53 28.23
CA LEU A 500 -26.04 31.26 28.26
C LEU A 500 -27.16 31.16 29.32
N THR A 501 -26.97 31.81 30.48
CA THR A 501 -28.00 31.80 31.52
C THR A 501 -29.26 32.58 31.05
N ARG A 502 -29.07 33.62 30.21
CA ARG A 502 -30.17 34.45 29.67
C ARG A 502 -30.75 33.94 28.37
N ASN A 503 -30.01 33.11 27.65
CA ASN A 503 -30.47 32.58 26.37
C ASN A 503 -30.20 31.07 26.32
N PRO A 504 -30.94 30.30 27.15
CA PRO A 504 -30.70 28.85 27.20
C PRO A 504 -31.00 28.06 25.92
N ALA A 505 -31.58 28.71 24.90
CA ALA A 505 -31.76 28.07 23.59
C ALA A 505 -30.34 27.72 22.99
N TRP A 506 -29.34 28.57 23.31
CA TRP A 506 -27.95 28.45 22.92
C TRP A 506 -27.20 27.33 23.63
N ARG A 507 -27.90 26.55 24.52
CA ARG A 507 -27.37 25.38 25.24
C ARG A 507 -26.91 24.30 24.29
N LYS A 508 -27.50 24.24 23.10
CA LYS A 508 -27.18 23.25 22.09
C LYS A 508 -26.08 23.77 21.08
N ALA A 509 -25.43 24.93 21.38
CA ALA A 509 -24.40 25.51 20.51
C ALA A 509 -23.05 24.81 20.62
N VAL A 510 -22.23 24.89 19.56
CA VAL A 510 -20.85 24.42 19.51
C VAL A 510 -19.99 25.63 19.81
N PHE A 511 -19.05 25.49 20.75
CA PHE A 511 -18.07 26.52 21.12
C PHE A 511 -16.85 26.44 20.17
N ILE A 512 -16.52 27.56 19.53
CA ILE A 512 -15.43 27.68 18.58
C ILE A 512 -14.50 28.83 18.98
N SER A 513 -13.18 28.60 18.83
CA SER A 513 -12.14 29.58 19.10
C SER A 513 -10.90 29.18 18.31
N PRO A 514 -9.97 30.13 18.08
CA PRO A 514 -8.75 29.79 17.34
C PRO A 514 -7.73 28.96 18.12
N TYR A 515 -7.95 28.73 19.43
CA TYR A 515 -6.99 28.04 20.31
C TYR A 515 -7.57 26.86 21.03
N ASN A 516 -6.85 25.74 21.02
CA ASN A 516 -7.25 24.51 21.71
C ASN A 516 -7.29 24.74 23.25
N SER A 517 -6.39 25.60 23.78
CA SER A 517 -6.36 25.87 25.21
C SER A 517 -7.53 26.70 25.66
N GLN A 518 -8.05 27.59 24.81
CA GLN A 518 -9.25 28.36 25.12
C GLN A 518 -10.45 27.38 25.19
N ASN A 519 -10.52 26.46 24.20
CA ASN A 519 -11.52 25.39 24.05
C ASN A 519 -11.52 24.39 25.22
N ALA A 520 -10.37 24.17 25.87
CA ALA A 520 -10.27 23.25 27.01
C ALA A 520 -10.89 23.88 28.27
N VAL A 521 -10.62 25.17 28.47
CA VAL A 521 -11.16 25.97 29.55
C VAL A 521 -12.68 26.13 29.32
N ALA A 522 -13.12 26.34 28.08
CA ALA A 522 -14.55 26.53 27.81
C ALA A 522 -15.33 25.23 27.89
N SER A 523 -14.69 24.09 27.60
CA SER A 523 -15.36 22.80 27.71
C SER A 523 -15.66 22.51 29.17
N LYS A 524 -14.72 22.79 30.08
CA LYS A 524 -14.93 22.59 31.50
C LYS A 524 -15.91 23.64 32.12
N ILE A 525 -15.77 24.95 31.82
CA ILE A 525 -16.68 26.00 32.35
C ILE A 525 -18.10 26.00 31.74
N LEU A 526 -18.21 25.85 30.42
CA LEU A 526 -19.50 25.92 29.74
C LEU A 526 -20.15 24.59 29.49
N GLY A 527 -19.36 23.53 29.37
CA GLY A 527 -19.89 22.21 29.09
C GLY A 527 -20.35 22.00 27.66
N LEU A 528 -20.16 23.03 26.77
CA LEU A 528 -20.50 23.00 25.34
C LEU A 528 -19.48 22.16 24.60
N PRO A 529 -19.90 21.50 23.49
CA PRO A 529 -18.90 20.80 22.66
C PRO A 529 -17.96 21.84 22.05
N THR A 530 -16.69 21.44 21.89
CA THR A 530 -15.63 22.35 21.51
C THR A 530 -14.98 22.00 20.14
N GLN A 531 -14.59 23.04 19.39
CA GLN A 531 -14.00 22.85 18.08
C GLN A 531 -13.14 24.07 17.75
N THR A 532 -11.87 23.86 17.32
CA THR A 532 -11.06 25.01 16.89
C THR A 532 -11.59 25.41 15.51
N VAL A 533 -11.30 26.64 15.05
CA VAL A 533 -11.74 27.06 13.71
C VAL A 533 -11.25 26.09 12.61
N ASP A 534 -9.99 25.66 12.73
CA ASP A 534 -9.34 24.74 11.80
C ASP A 534 -9.97 23.35 11.76
N SER A 535 -10.43 22.85 12.91
CA SER A 535 -11.12 21.55 12.94
C SER A 535 -12.64 21.66 12.61
N SER A 536 -13.19 22.87 12.62
CA SER A 536 -14.59 23.06 12.31
C SER A 536 -14.85 23.10 10.79
N GLN A 537 -13.83 23.45 9.99
CA GLN A 537 -13.92 23.56 8.54
C GLN A 537 -14.52 22.31 7.89
N GLY A 538 -15.57 22.53 7.08
CA GLY A 538 -16.31 21.47 6.41
C GLY A 538 -17.54 20.99 7.19
N SER A 539 -17.72 21.49 8.45
CA SER A 539 -18.80 21.15 9.35
C SER A 539 -19.81 22.31 9.50
N GLU A 540 -21.04 21.98 9.90
CA GLU A 540 -22.06 22.98 10.14
C GLU A 540 -22.84 22.65 11.41
N TYR A 541 -23.28 23.67 12.12
CA TYR A 541 -24.01 23.57 13.39
C TYR A 541 -25.12 24.64 13.42
N ASP A 542 -26.26 24.37 14.10
CA ASP A 542 -27.34 25.36 14.18
C ASP A 542 -26.86 26.61 14.91
N TYR A 543 -26.17 26.41 16.04
CA TYR A 543 -25.65 27.52 16.80
C TYR A 543 -24.17 27.41 17.03
N VAL A 544 -23.50 28.56 16.99
CA VAL A 544 -22.06 28.64 17.12
C VAL A 544 -21.75 29.78 18.07
N ILE A 545 -20.92 29.52 19.08
CA ILE A 545 -20.45 30.58 19.97
C ILE A 545 -18.96 30.66 19.75
N PHE A 546 -18.50 31.81 19.23
CA PHE A 546 -17.11 32.08 18.90
C PHE A 546 -16.46 33.12 19.81
N THR A 547 -15.35 32.77 20.47
CA THR A 547 -14.59 33.77 21.25
C THR A 547 -13.26 33.95 20.48
N GLN A 548 -12.96 35.20 20.05
CA GLN A 548 -11.73 35.45 19.30
C GLN A 548 -10.45 35.17 20.10
N THR A 549 -10.53 35.27 21.44
CA THR A 549 -9.45 35.01 22.43
C THR A 549 -8.35 36.10 22.41
N THR A 550 -7.59 36.22 21.29
CA THR A 550 -6.52 37.21 21.20
C THR A 550 -6.75 38.16 20.00
N GLU A 551 -5.90 39.17 19.86
CA GLU A 551 -5.94 40.09 18.75
C GLU A 551 -4.66 39.88 17.90
N THR A 552 -4.18 38.62 17.77
CA THR A 552 -2.99 38.23 17.01
C THR A 552 -3.27 38.11 15.48
N ALA A 553 -2.23 37.85 14.67
CA ALA A 553 -2.38 37.63 13.25
C ALA A 553 -3.14 36.31 12.97
N HIS A 554 -3.02 35.32 13.88
CA HIS A 554 -3.67 34.01 13.78
C HIS A 554 -5.19 34.17 13.98
N SER A 555 -5.59 34.87 15.04
CA SER A 555 -6.99 35.05 15.33
C SER A 555 -7.63 36.11 14.44
N CYS A 556 -6.85 37.06 13.86
CA CYS A 556 -7.37 38.04 12.91
C CYS A 556 -7.29 37.62 11.45
N ASN A 557 -6.83 36.39 11.16
CA ASN A 557 -6.72 35.87 9.80
C ASN A 557 -8.12 35.87 9.17
N VAL A 558 -8.29 36.51 7.98
CA VAL A 558 -9.59 36.59 7.36
C VAL A 558 -10.09 35.23 6.88
N ASN A 559 -9.21 34.32 6.45
CA ASN A 559 -9.66 32.99 6.00
C ASN A 559 -10.19 32.19 7.16
N ARG A 560 -9.52 32.28 8.34
CA ARG A 560 -9.93 31.61 9.56
C ARG A 560 -11.23 32.26 10.09
N PHE A 561 -11.35 33.60 9.96
CA PHE A 561 -12.54 34.29 10.39
C PHE A 561 -13.79 33.88 9.58
N ASN A 562 -13.59 33.77 8.25
CA ASN A 562 -14.56 33.35 7.27
C ASN A 562 -15.07 31.94 7.64
N VAL A 563 -14.15 31.00 7.92
CA VAL A 563 -14.54 29.65 8.33
C VAL A 563 -15.32 29.70 9.67
N ALA A 564 -14.78 30.42 10.67
CA ALA A 564 -15.41 30.54 11.97
C ALA A 564 -16.89 30.94 11.92
N ILE A 565 -17.23 32.08 11.28
CA ILE A 565 -18.60 32.53 11.25
C ILE A 565 -19.49 31.73 10.25
N THR A 566 -18.92 31.06 9.23
CA THR A 566 -19.75 30.32 8.26
C THR A 566 -20.06 28.85 8.70
N ARG A 567 -19.84 28.50 9.98
CA ARG A 567 -20.22 27.17 10.50
C ARG A 567 -21.73 27.13 10.91
N ALA A 568 -22.32 28.31 11.22
CA ALA A 568 -23.68 28.49 11.70
C ALA A 568 -24.80 28.44 10.66
N LYS A 569 -25.82 27.65 10.94
CA LYS A 569 -27.04 27.56 10.12
C LYS A 569 -28.08 28.54 10.66
N VAL A 570 -28.21 28.62 11.99
CA VAL A 570 -29.22 29.47 12.61
C VAL A 570 -28.71 30.74 13.27
N GLY A 571 -27.78 30.60 14.23
CA GLY A 571 -27.29 31.74 14.98
C GLY A 571 -25.85 31.61 15.41
N ILE A 572 -25.26 32.77 15.74
CA ILE A 572 -23.88 32.90 16.16
C ILE A 572 -23.72 34.05 17.15
N LEU A 573 -22.84 33.84 18.14
CA LEU A 573 -22.47 34.84 19.11
C LEU A 573 -20.95 34.98 18.93
N CYS A 574 -20.47 36.18 18.55
CA CYS A 574 -19.05 36.46 18.36
C CYS A 574 -18.55 37.39 19.44
N ILE A 575 -17.69 36.92 20.36
CA ILE A 575 -17.08 37.79 21.37
C ILE A 575 -15.73 38.15 20.70
N MET A 576 -15.57 39.42 20.29
CA MET A 576 -14.41 39.90 19.51
C MET A 576 -13.37 40.66 20.31
N SER A 577 -12.11 40.59 19.84
CA SER A 577 -10.95 41.28 20.40
C SER A 577 -10.48 42.40 19.45
N ASP A 578 -10.54 42.13 18.11
CA ASP A 578 -10.17 43.02 17.03
C ASP A 578 -11.30 44.02 16.71
N ARG A 579 -11.01 45.33 16.71
CA ARG A 579 -12.03 46.34 16.39
C ARG A 579 -12.40 46.30 14.88
N ASP A 580 -11.43 45.97 14.02
CA ASP A 580 -11.59 45.82 12.57
C ASP A 580 -12.63 44.74 12.21
N LEU A 581 -12.38 43.47 12.58
CA LEU A 581 -13.30 42.39 12.30
C LEU A 581 -14.61 42.56 13.07
N TYR A 582 -14.58 43.21 14.27
CA TYR A 582 -15.84 43.46 15.02
C TYR A 582 -16.74 44.39 14.19
N ASP A 583 -16.15 45.46 13.60
CA ASP A 583 -16.86 46.44 12.77
C ASP A 583 -17.35 45.87 11.44
N LYS A 584 -16.65 44.88 10.92
CA LYS A 584 -17.02 44.20 9.69
C LYS A 584 -18.18 43.21 9.90
N LEU A 585 -18.39 42.70 11.14
CA LEU A 585 -19.49 41.81 11.44
C LEU A 585 -20.85 42.57 11.32
N GLN A 586 -21.73 42.11 10.41
CA GLN A 586 -23.03 42.75 10.20
C GLN A 586 -24.06 42.07 11.06
N PHE A 587 -23.79 42.07 12.37
CA PHE A 587 -24.56 41.39 13.42
C PHE A 587 -25.16 42.41 14.38
N THR A 588 -26.11 41.97 15.19
CA THR A 588 -26.70 42.78 16.23
C THR A 588 -25.67 42.85 17.38
N SER A 589 -25.30 44.07 17.81
CA SER A 589 -24.35 44.21 18.91
C SER A 589 -25.04 44.06 20.28
N LEU A 590 -24.42 43.31 21.19
CA LEU A 590 -24.93 43.14 22.55
C LEU A 590 -24.07 43.95 23.55
N GLU A 591 -24.59 44.17 24.77
CA GLU A 591 -23.82 44.84 25.82
C GLU A 591 -23.94 44.12 27.17
N ILE A 592 -22.89 44.27 28.01
CA ILE A 592 -22.72 43.78 29.40
C ILE A 592 -21.29 44.09 29.87
N VAL B 2 -17.11 -1.83 -19.88
CA VAL B 2 -16.83 -2.12 -21.28
C VAL B 2 -15.33 -2.34 -21.49
N GLY B 3 -14.96 -3.49 -22.09
CA GLY B 3 -13.59 -3.94 -22.25
C GLY B 3 -13.41 -5.05 -23.25
N ALA B 4 -12.43 -5.97 -23.05
CA ALA B 4 -12.06 -7.06 -24.00
C ALA B 4 -12.38 -8.51 -23.56
N CYS B 5 -12.88 -9.33 -24.52
CA CYS B 5 -13.28 -10.72 -24.29
C CYS B 5 -12.10 -11.57 -23.80
N VAL B 6 -12.30 -12.45 -22.81
CA VAL B 6 -11.22 -13.30 -22.30
C VAL B 6 -10.96 -14.54 -23.17
N LEU B 7 -11.90 -14.92 -24.05
CA LEU B 7 -11.70 -16.09 -24.91
C LEU B 7 -11.39 -15.76 -26.39
N CYS B 8 -11.66 -14.52 -26.80
CA CYS B 8 -11.58 -14.14 -28.19
C CYS B 8 -10.95 -12.74 -28.43
N ASN B 9 -10.88 -11.91 -27.38
CA ASN B 9 -10.38 -10.53 -27.36
C ASN B 9 -11.29 -9.53 -28.10
N SER B 10 -12.44 -9.98 -28.67
CA SER B 10 -13.39 -9.08 -29.34
C SER B 10 -13.87 -8.04 -28.34
N GLN B 11 -13.92 -6.77 -28.73
CA GLN B 11 -14.40 -5.69 -27.85
C GLN B 11 -15.80 -6.01 -27.30
N THR B 12 -16.09 -5.62 -26.04
CA THR B 12 -17.34 -6.04 -25.41
C THR B 12 -17.94 -5.14 -24.38
N SER B 13 -19.27 -5.09 -24.37
CA SER B 13 -20.03 -4.38 -23.35
C SER B 13 -20.50 -5.35 -22.23
N LEU B 14 -20.35 -6.68 -22.40
CA LEU B 14 -20.81 -7.75 -21.51
C LEU B 14 -19.74 -8.31 -20.59
N ARG B 15 -20.16 -8.75 -19.41
CA ARG B 15 -19.37 -9.43 -18.38
C ARG B 15 -20.28 -10.49 -17.78
N CYS B 16 -19.76 -11.69 -17.46
CA CYS B 16 -20.61 -12.69 -16.81
C CYS B 16 -20.79 -12.32 -15.35
N GLY B 17 -22.03 -12.24 -14.89
CA GLY B 17 -22.37 -11.87 -13.53
C GLY B 17 -22.29 -13.00 -12.52
N ALA B 18 -22.40 -14.26 -13.00
CA ALA B 18 -22.27 -15.42 -12.12
C ALA B 18 -20.80 -15.88 -11.94
N CYS B 19 -19.91 -15.44 -12.83
CA CYS B 19 -18.49 -15.71 -12.73
C CYS B 19 -18.00 -14.79 -11.62
N ILE B 20 -17.35 -15.33 -10.59
CA ILE B 20 -16.91 -14.47 -9.46
C ILE B 20 -15.90 -13.41 -9.90
N ARG B 21 -15.30 -13.55 -11.09
CA ARG B 21 -14.36 -12.56 -11.61
C ARG B 21 -14.95 -11.59 -12.66
N ARG B 22 -16.19 -11.87 -13.11
CA ARG B 22 -16.92 -11.10 -14.09
C ARG B 22 -16.12 -10.87 -15.36
N PRO B 23 -15.66 -11.96 -16.01
CA PRO B 23 -14.88 -11.80 -17.22
C PRO B 23 -15.68 -11.14 -18.32
N PHE B 24 -15.02 -10.25 -19.10
CA PHE B 24 -15.64 -9.62 -20.26
C PHE B 24 -15.78 -10.72 -21.33
N LEU B 25 -17.00 -10.90 -21.83
CA LEU B 25 -17.29 -11.92 -22.83
C LEU B 25 -18.04 -11.27 -24.00
N CYS B 26 -17.58 -11.41 -25.26
CA CYS B 26 -18.28 -10.82 -26.41
C CYS B 26 -19.67 -11.45 -26.63
N CYS B 27 -20.52 -10.84 -27.47
CA CYS B 27 -21.86 -11.37 -27.78
C CYS B 27 -21.86 -12.86 -28.09
N LYS B 28 -20.87 -13.32 -28.88
CA LYS B 28 -20.70 -14.73 -29.27
C LYS B 28 -20.35 -15.65 -28.08
N CYS B 29 -19.21 -15.37 -27.37
CA CYS B 29 -18.67 -16.19 -26.25
C CYS B 29 -19.56 -16.14 -24.98
N CYS B 30 -20.23 -15.01 -24.77
CA CYS B 30 -21.12 -14.81 -23.66
C CYS B 30 -22.33 -15.72 -23.80
N TYR B 31 -22.86 -15.85 -25.03
CA TYR B 31 -23.99 -16.71 -25.34
C TYR B 31 -23.58 -18.15 -25.14
N ASP B 32 -22.47 -18.54 -25.76
CA ASP B 32 -21.95 -19.90 -25.68
C ASP B 32 -21.70 -20.31 -24.21
N HIS B 33 -21.39 -19.35 -23.32
CA HIS B 33 -21.17 -19.54 -21.88
C HIS B 33 -22.50 -19.71 -21.09
N VAL B 34 -23.46 -18.75 -21.24
CA VAL B 34 -24.75 -18.78 -20.54
C VAL B 34 -25.61 -19.97 -20.96
N ILE B 35 -25.55 -20.46 -22.22
CA ILE B 35 -26.40 -21.59 -22.62
C ILE B 35 -25.82 -22.97 -22.25
N SER B 36 -24.56 -23.02 -21.86
CA SER B 36 -23.88 -24.27 -21.52
C SER B 36 -23.60 -24.45 -20.04
N THR B 37 -23.84 -23.40 -19.21
CA THR B 37 -23.60 -23.46 -17.76
C THR B 37 -24.84 -22.91 -16.98
N SER B 38 -24.80 -23.05 -15.63
CA SER B 38 -25.79 -22.45 -14.73
C SER B 38 -25.64 -20.91 -14.66
N HIS B 39 -24.58 -20.35 -15.24
CA HIS B 39 -24.32 -18.94 -15.20
C HIS B 39 -25.26 -18.25 -16.17
N LYS B 40 -26.23 -17.46 -15.66
CA LYS B 40 -27.16 -16.74 -16.54
C LYS B 40 -27.20 -15.24 -16.28
N LEU B 41 -26.60 -14.75 -15.17
CA LEU B 41 -26.61 -13.29 -14.94
C LEU B 41 -25.61 -12.65 -15.90
N VAL B 42 -26.03 -11.62 -16.67
CA VAL B 42 -25.15 -10.89 -17.61
C VAL B 42 -25.09 -9.42 -17.17
N LEU B 43 -23.89 -8.81 -17.16
CA LEU B 43 -23.71 -7.43 -16.74
C LEU B 43 -23.11 -6.62 -17.85
N SER B 44 -23.83 -5.62 -18.31
CA SER B 44 -23.35 -4.71 -19.34
C SER B 44 -23.06 -3.37 -18.60
N VAL B 45 -23.44 -2.19 -19.17
CA VAL B 45 -23.40 -0.88 -18.48
C VAL B 45 -24.29 -1.04 -17.21
N ASN B 46 -25.46 -1.65 -17.42
CA ASN B 46 -26.42 -2.02 -16.40
C ASN B 46 -26.51 -3.56 -16.35
N PRO B 47 -26.98 -4.12 -15.21
CA PRO B 47 -27.18 -5.56 -15.15
C PRO B 47 -28.44 -5.96 -15.94
N TYR B 48 -28.38 -7.14 -16.57
CA TYR B 48 -29.51 -7.62 -17.33
C TYR B 48 -30.41 -8.29 -16.34
N VAL B 49 -31.26 -7.46 -15.74
CA VAL B 49 -32.19 -7.86 -14.70
C VAL B 49 -33.58 -7.27 -15.06
N CYS B 50 -34.68 -7.90 -14.60
CA CYS B 50 -36.01 -7.34 -14.90
C CYS B 50 -36.29 -6.03 -14.12
N ASN B 51 -36.59 -4.99 -14.88
CA ASN B 51 -36.86 -3.66 -14.37
C ASN B 51 -38.24 -3.47 -13.73
N ALA B 52 -39.15 -4.44 -13.91
CA ALA B 52 -40.48 -4.37 -13.31
C ALA B 52 -40.34 -4.44 -11.79
N PRO B 53 -41.07 -3.58 -11.05
CA PRO B 53 -40.91 -3.56 -9.57
C PRO B 53 -41.16 -4.90 -8.84
N GLY B 54 -40.17 -5.34 -8.08
CA GLY B 54 -40.26 -6.59 -7.31
C GLY B 54 -40.10 -7.87 -8.11
N CYS B 55 -39.73 -7.75 -9.40
CA CYS B 55 -39.55 -8.93 -10.24
C CYS B 55 -38.15 -9.50 -10.04
N ASP B 56 -38.07 -10.83 -9.82
CA ASP B 56 -36.81 -11.51 -9.58
C ASP B 56 -36.29 -12.32 -10.78
N VAL B 57 -36.54 -11.85 -12.03
CA VAL B 57 -36.01 -12.54 -13.21
C VAL B 57 -34.65 -11.94 -13.56
N THR B 58 -33.59 -12.79 -13.48
CA THR B 58 -32.19 -12.44 -13.75
C THR B 58 -31.56 -13.31 -14.87
N ASP B 59 -32.20 -14.40 -15.30
CA ASP B 59 -31.72 -15.28 -16.36
C ASP B 59 -31.77 -14.49 -17.69
N VAL B 60 -30.65 -14.37 -18.41
CA VAL B 60 -30.56 -13.59 -19.66
C VAL B 60 -31.43 -14.20 -20.80
N THR B 61 -31.63 -15.54 -20.80
CA THR B 61 -32.46 -16.21 -21.80
C THR B 61 -33.98 -15.92 -21.60
N GLN B 62 -34.37 -15.52 -20.37
CA GLN B 62 -35.75 -15.17 -20.04
C GLN B 62 -35.91 -13.63 -19.99
N LEU B 63 -35.09 -12.85 -20.72
CA LEU B 63 -35.16 -11.37 -20.70
C LEU B 63 -35.17 -10.71 -22.08
N TYR B 64 -35.67 -9.45 -22.18
CA TYR B 64 -35.87 -8.66 -23.41
C TYR B 64 -35.51 -7.17 -23.20
N LEU B 65 -35.25 -6.44 -24.28
CA LEU B 65 -34.98 -5.01 -24.25
C LEU B 65 -36.22 -4.22 -24.72
N GLY B 66 -36.93 -3.59 -23.76
CA GLY B 66 -38.13 -2.79 -23.98
C GLY B 66 -37.84 -1.31 -24.03
N GLY B 67 -37.53 -0.83 -25.22
CA GLY B 67 -37.17 0.57 -25.42
C GLY B 67 -35.78 0.82 -24.90
N MET B 68 -35.67 1.32 -23.67
CA MET B 68 -34.36 1.57 -23.06
C MET B 68 -34.09 0.74 -21.79
N SER B 69 -35.03 -0.14 -21.41
CA SER B 69 -34.95 -0.95 -20.19
C SER B 69 -35.00 -2.48 -20.44
N TYR B 70 -34.77 -3.32 -19.42
CA TYR B 70 -34.79 -4.78 -19.58
C TYR B 70 -35.95 -5.37 -18.81
N TYR B 71 -36.69 -6.33 -19.42
CA TYR B 71 -37.87 -6.94 -18.81
C TYR B 71 -37.99 -8.43 -19.15
N CYS B 72 -38.64 -9.22 -18.28
CA CYS B 72 -38.86 -10.64 -18.57
C CYS B 72 -40.07 -10.82 -19.53
N LYS B 73 -40.40 -12.08 -19.90
CA LYS B 73 -41.54 -12.42 -20.75
C LYS B 73 -42.87 -11.91 -20.16
N SER B 74 -42.97 -11.81 -18.80
CA SER B 74 -44.16 -11.34 -18.06
C SER B 74 -44.30 -9.82 -17.92
N HIS B 75 -43.25 -9.05 -18.19
CA HIS B 75 -43.32 -7.59 -18.05
C HIS B 75 -42.90 -6.82 -19.30
N LYS B 76 -42.40 -7.52 -20.33
CA LYS B 76 -41.94 -6.89 -21.56
C LYS B 76 -43.04 -6.13 -22.29
N PRO B 77 -42.72 -4.93 -22.83
CA PRO B 77 -43.73 -4.20 -23.61
C PRO B 77 -43.95 -4.81 -25.03
N PRO B 78 -44.95 -4.34 -25.80
CA PRO B 78 -45.19 -4.95 -27.13
C PRO B 78 -44.00 -4.86 -28.07
N ILE B 79 -43.25 -3.75 -28.00
CA ILE B 79 -42.05 -3.58 -28.82
C ILE B 79 -40.81 -3.87 -27.97
N SER B 80 -40.29 -5.12 -28.08
CA SER B 80 -39.11 -5.60 -27.35
C SER B 80 -38.39 -6.70 -28.13
N PHE B 81 -37.05 -6.75 -28.07
CA PHE B 81 -36.29 -7.82 -28.71
C PHE B 81 -35.54 -8.62 -27.64
N PRO B 82 -35.50 -9.95 -27.75
CA PRO B 82 -34.84 -10.76 -26.71
C PRO B 82 -33.37 -10.43 -26.59
N LEU B 83 -32.85 -10.31 -25.35
CA LEU B 83 -31.39 -10.06 -25.16
C LEU B 83 -30.54 -11.31 -25.50
N CYS B 84 -31.17 -12.46 -25.78
CA CYS B 84 -30.46 -13.71 -25.97
C CYS B 84 -31.05 -14.53 -27.12
N ALA B 85 -30.54 -14.35 -28.33
CA ALA B 85 -31.04 -15.02 -29.54
C ALA B 85 -30.03 -14.92 -30.67
N ASN B 86 -30.07 -15.88 -31.64
CA ASN B 86 -29.20 -15.93 -32.82
C ASN B 86 -27.73 -16.25 -32.46
N GLY B 87 -27.50 -16.94 -31.34
CA GLY B 87 -26.14 -17.27 -30.89
C GLY B 87 -25.33 -16.12 -30.31
N GLN B 88 -26.02 -15.04 -29.93
CA GLN B 88 -25.44 -13.85 -29.38
C GLN B 88 -26.23 -13.35 -28.17
N VAL B 89 -25.55 -12.65 -27.28
CA VAL B 89 -26.19 -11.97 -26.18
C VAL B 89 -26.08 -10.45 -26.55
N PHE B 90 -27.20 -9.71 -26.42
CA PHE B 90 -27.25 -8.30 -26.81
C PHE B 90 -26.29 -7.37 -26.04
N GLY B 91 -25.49 -6.63 -26.77
CA GLY B 91 -24.56 -5.63 -26.23
C GLY B 91 -23.82 -4.91 -27.33
N LEU B 92 -22.92 -4.00 -26.96
CA LEU B 92 -22.10 -3.27 -27.94
C LEU B 92 -21.13 -4.22 -28.67
N TYR B 93 -20.68 -3.82 -29.87
CA TYR B 93 -19.69 -4.51 -30.68
C TYR B 93 -20.16 -5.93 -31.13
N LYS B 94 -21.45 -6.02 -31.54
CA LYS B 94 -22.09 -7.23 -32.05
C LYS B 94 -21.60 -7.62 -33.47
N ASN B 95 -21.02 -6.63 -34.19
CA ASN B 95 -20.42 -6.74 -35.52
C ASN B 95 -18.98 -7.25 -35.42
N THR B 96 -18.16 -6.65 -34.51
CA THR B 96 -16.79 -7.08 -34.22
C THR B 96 -16.85 -8.20 -33.16
N CYS B 97 -17.15 -9.40 -33.64
CA CYS B 97 -17.39 -10.58 -32.84
C CYS B 97 -16.75 -11.75 -33.59
N VAL B 98 -15.98 -12.59 -32.88
CA VAL B 98 -15.34 -13.73 -33.54
C VAL B 98 -15.76 -15.10 -32.97
N GLY B 99 -15.74 -15.22 -31.63
CA GLY B 99 -16.15 -16.42 -30.92
C GLY B 99 -15.09 -17.49 -30.80
N SER B 100 -15.42 -18.61 -30.17
CA SER B 100 -14.49 -19.72 -29.99
C SER B 100 -15.11 -21.05 -30.35
N ASP B 101 -14.32 -21.96 -30.96
CA ASP B 101 -14.77 -23.29 -31.40
C ASP B 101 -15.21 -24.25 -30.25
N ASN B 102 -14.61 -24.08 -29.04
CA ASN B 102 -14.91 -24.88 -27.86
C ASN B 102 -14.63 -24.09 -26.57
N VAL B 103 -15.61 -23.28 -26.14
CA VAL B 103 -15.62 -22.49 -24.90
C VAL B 103 -15.60 -23.43 -23.64
N THR B 104 -15.31 -24.74 -23.85
CA THR B 104 -15.38 -25.83 -22.90
C THR B 104 -14.51 -25.65 -21.69
N ASP B 105 -13.20 -25.36 -21.90
CA ASP B 105 -12.22 -25.17 -20.83
C ASP B 105 -12.52 -23.91 -20.02
N PHE B 106 -13.00 -22.82 -20.66
CA PHE B 106 -13.39 -21.61 -19.94
C PHE B 106 -14.56 -21.93 -19.01
N ASN B 107 -15.54 -22.70 -19.48
CA ASN B 107 -16.72 -23.06 -18.71
C ASN B 107 -16.31 -23.85 -17.47
N ALA B 108 -15.38 -24.82 -17.62
CA ALA B 108 -14.85 -25.67 -16.55
C ALA B 108 -14.07 -24.87 -15.49
N ILE B 109 -13.29 -23.86 -15.90
CA ILE B 109 -12.56 -23.00 -14.96
C ILE B 109 -13.58 -22.12 -14.22
N ALA B 110 -14.53 -21.54 -14.97
CA ALA B 110 -15.58 -20.66 -14.45
C ALA B 110 -16.48 -21.29 -13.38
N THR B 111 -16.73 -22.62 -13.46
CA THR B 111 -17.67 -23.33 -12.59
C THR B 111 -17.07 -24.33 -11.57
N CYS B 112 -15.80 -24.77 -11.72
CA CYS B 112 -15.19 -25.73 -10.76
C CYS B 112 -15.06 -25.12 -9.35
N ASP B 113 -15.01 -25.98 -8.32
CA ASP B 113 -14.84 -25.50 -6.95
C ASP B 113 -13.37 -25.46 -6.46
N TRP B 114 -12.41 -25.81 -7.35
CA TRP B 114 -10.96 -25.86 -7.11
C TRP B 114 -10.56 -26.87 -6.06
N THR B 115 -11.38 -27.91 -5.82
CA THR B 115 -11.04 -28.93 -4.82
C THR B 115 -10.34 -30.16 -5.40
N ASN B 116 -10.38 -30.34 -6.74
CA ASN B 116 -9.78 -31.49 -7.44
C ASN B 116 -8.45 -31.11 -8.12
N ALA B 117 -7.56 -32.10 -8.32
CA ALA B 117 -6.26 -31.86 -8.96
C ALA B 117 -6.44 -31.48 -10.43
N GLY B 118 -7.41 -32.11 -11.11
CA GLY B 118 -7.72 -31.87 -12.52
C GLY B 118 -8.07 -30.42 -12.84
N ASP B 119 -8.50 -29.67 -11.80
CA ASP B 119 -8.85 -28.24 -11.91
C ASP B 119 -7.56 -27.42 -12.10
N TYR B 120 -6.50 -27.78 -11.37
CA TYR B 120 -5.21 -27.12 -11.44
C TYR B 120 -4.43 -27.55 -12.69
N ILE B 121 -4.59 -28.82 -13.13
CA ILE B 121 -4.00 -29.38 -14.35
C ILE B 121 -4.52 -28.57 -15.53
N LEU B 122 -5.84 -28.32 -15.59
CA LEU B 122 -6.48 -27.49 -16.61
C LEU B 122 -5.99 -26.03 -16.56
N ALA B 123 -5.91 -25.40 -15.37
CA ALA B 123 -5.44 -24.02 -15.22
C ALA B 123 -3.98 -23.81 -15.65
N ASN B 124 -3.28 -24.90 -16.05
CA ASN B 124 -1.89 -24.85 -16.49
C ASN B 124 -1.67 -25.38 -17.91
N THR B 125 -2.62 -26.17 -18.44
CA THR B 125 -2.54 -26.71 -19.81
C THR B 125 -3.36 -25.86 -20.84
N CYS B 126 -4.20 -24.94 -20.35
CA CYS B 126 -5.05 -24.08 -21.18
C CYS B 126 -4.26 -22.95 -21.86
N THR B 127 -4.97 -22.07 -22.61
CA THR B 127 -4.36 -20.93 -23.29
C THR B 127 -3.81 -19.94 -22.26
N GLU B 128 -2.94 -19.02 -22.69
CA GLU B 128 -2.36 -18.05 -21.80
C GLU B 128 -3.39 -17.12 -21.16
N ARG B 129 -4.39 -16.66 -21.91
CA ARG B 129 -5.43 -15.80 -21.32
C ARG B 129 -6.37 -16.58 -20.35
N LEU B 130 -6.52 -17.89 -20.61
CA LEU B 130 -7.30 -18.73 -19.71
C LEU B 130 -6.50 -19.12 -18.45
N LYS B 131 -5.17 -19.08 -18.50
CA LYS B 131 -4.29 -19.30 -17.36
C LYS B 131 -4.44 -18.09 -16.40
N LEU B 132 -4.59 -16.87 -16.95
CA LEU B 132 -4.75 -15.66 -16.15
C LEU B 132 -6.12 -15.62 -15.50
N PHE B 133 -7.15 -16.03 -16.24
CA PHE B 133 -8.52 -16.10 -15.77
C PHE B 133 -8.60 -17.15 -14.65
N ALA B 134 -7.98 -18.34 -14.86
CA ALA B 134 -7.95 -19.42 -13.88
C ALA B 134 -7.24 -19.02 -12.56
N ALA B 135 -6.11 -18.28 -12.65
CA ALA B 135 -5.38 -17.81 -11.49
C ALA B 135 -6.12 -16.71 -10.74
N GLU B 136 -6.88 -15.88 -11.45
CA GLU B 136 -7.67 -14.81 -10.87
C GLU B 136 -8.88 -15.40 -10.09
N THR B 137 -9.50 -16.44 -10.70
CA THR B 137 -10.67 -17.11 -10.17
C THR B 137 -10.30 -17.92 -8.94
N LEU B 138 -9.25 -18.73 -9.04
CA LEU B 138 -8.74 -19.56 -7.96
C LEU B 138 -8.36 -18.71 -6.76
N LYS B 139 -7.62 -17.60 -6.97
CA LYS B 139 -7.21 -16.73 -5.86
C LYS B 139 -8.40 -16.05 -5.24
N ALA B 140 -9.39 -15.65 -6.04
CA ALA B 140 -10.57 -15.02 -5.48
C ALA B 140 -11.38 -16.04 -4.68
N THR B 141 -11.43 -17.31 -5.12
CA THR B 141 -12.16 -18.41 -4.43
C THR B 141 -11.46 -18.76 -3.11
N GLU B 142 -10.12 -18.79 -3.13
CA GLU B 142 -9.30 -19.08 -1.96
C GLU B 142 -9.49 -18.03 -0.90
N GLU B 143 -9.63 -16.75 -1.27
CA GLU B 143 -9.79 -15.63 -0.34
C GLU B 143 -11.17 -15.64 0.26
N THR B 144 -12.20 -15.90 -0.56
CA THR B 144 -13.60 -15.96 -0.10
C THR B 144 -13.80 -17.14 0.87
N PHE B 145 -13.08 -18.26 0.65
CA PHE B 145 -13.15 -19.40 1.53
C PHE B 145 -12.60 -19.09 2.92
N LYS B 146 -11.66 -18.15 3.04
CA LYS B 146 -11.14 -17.73 4.34
C LYS B 146 -12.23 -17.07 5.17
N LEU B 147 -13.19 -16.36 4.52
CA LEU B 147 -14.31 -15.66 5.18
C LEU B 147 -15.35 -16.63 5.74
N SER B 148 -15.41 -17.88 5.22
CA SER B 148 -16.36 -18.92 5.68
C SER B 148 -16.05 -19.45 7.09
N TYR B 149 -14.80 -19.32 7.51
CA TYR B 149 -14.37 -19.77 8.82
C TYR B 149 -14.92 -18.83 9.86
N GLY B 150 -15.17 -19.38 11.05
CA GLY B 150 -15.69 -18.59 12.16
C GLY B 150 -14.65 -17.78 12.91
N ILE B 151 -15.10 -16.71 13.59
CA ILE B 151 -14.28 -15.80 14.40
C ILE B 151 -13.90 -16.46 15.73
N ALA B 152 -12.60 -16.49 16.04
CA ALA B 152 -12.07 -17.03 17.28
C ALA B 152 -11.94 -15.86 18.27
N THR B 153 -12.34 -16.01 19.55
CA THR B 153 -12.28 -14.90 20.51
C THR B 153 -11.63 -15.35 21.81
N VAL B 154 -10.91 -14.46 22.50
CA VAL B 154 -10.30 -14.81 23.80
C VAL B 154 -11.43 -14.93 24.85
N ARG B 155 -11.43 -16.04 25.58
CA ARG B 155 -12.40 -16.36 26.64
C ARG B 155 -11.71 -16.20 28.03
N GLU B 156 -10.46 -16.68 28.13
CA GLU B 156 -9.62 -16.63 29.32
C GLU B 156 -8.19 -16.46 28.84
N VAL B 157 -7.43 -15.55 29.44
CA VAL B 157 -6.02 -15.34 29.02
C VAL B 157 -5.05 -16.32 29.74
N LEU B 158 -5.55 -17.54 30.08
CA LEU B 158 -4.91 -18.68 30.78
C LEU B 158 -3.45 -18.43 31.28
N SER B 159 -2.46 -18.37 30.38
CA SER B 159 -1.08 -18.07 30.73
C SER B 159 -0.44 -17.24 29.58
N ASP B 160 0.86 -17.00 29.66
CA ASP B 160 1.58 -16.32 28.59
C ASP B 160 1.77 -17.39 27.50
N ARG B 161 1.55 -17.03 26.24
CA ARG B 161 1.66 -17.97 25.12
C ARG B 161 0.55 -19.05 25.12
N GLU B 162 -0.51 -18.90 25.92
CA GLU B 162 -1.62 -19.86 25.96
C GLU B 162 -2.99 -19.24 26.33
N LEU B 163 -4.04 -19.57 25.53
CA LEU B 163 -5.43 -19.05 25.64
C LEU B 163 -6.55 -20.10 25.64
N HIS B 164 -7.76 -19.67 26.01
CA HIS B 164 -8.99 -20.45 25.94
C HIS B 164 -9.81 -19.67 24.90
N LEU B 165 -10.07 -20.22 23.69
CA LEU B 165 -10.84 -19.46 22.69
C LEU B 165 -12.32 -19.90 22.51
N SER B 166 -13.18 -18.94 22.16
CA SER B 166 -14.59 -19.18 21.89
C SER B 166 -14.86 -19.08 20.39
N TRP B 167 -15.35 -20.16 19.78
CA TRP B 167 -15.59 -20.19 18.33
C TRP B 167 -17.00 -19.81 17.91
N GLU B 168 -17.14 -19.34 16.66
CA GLU B 168 -18.42 -18.97 16.09
C GLU B 168 -19.24 -20.23 15.80
N VAL B 169 -20.54 -20.15 16.04
CA VAL B 169 -21.46 -21.24 15.82
C VAL B 169 -21.98 -21.21 14.37
N GLY B 170 -22.07 -22.38 13.74
CA GLY B 170 -22.55 -22.48 12.37
C GLY B 170 -21.43 -22.48 11.36
N LYS B 171 -20.46 -21.58 11.55
CA LYS B 171 -19.31 -21.47 10.67
C LYS B 171 -18.20 -22.40 11.14
N PRO B 172 -17.67 -23.27 10.24
CA PRO B 172 -16.60 -24.19 10.64
C PRO B 172 -15.33 -23.55 11.20
N ARG B 173 -14.56 -24.31 11.96
CA ARG B 173 -13.33 -23.81 12.57
C ARG B 173 -12.08 -24.17 11.72
N PRO B 174 -11.24 -23.17 11.43
CA PRO B 174 -10.04 -23.42 10.62
C PRO B 174 -8.91 -24.21 11.26
N PRO B 175 -8.10 -24.90 10.40
CA PRO B 175 -6.93 -25.64 10.90
C PRO B 175 -5.94 -24.77 11.65
N LEU B 176 -5.14 -25.38 12.54
CA LEU B 176 -4.26 -24.63 13.41
C LEU B 176 -2.77 -24.93 13.24
N ASN B 177 -2.12 -24.24 12.28
CA ASN B 177 -0.69 -24.42 11.97
C ASN B 177 -0.04 -23.14 11.36
N ARG B 178 1.28 -23.17 11.06
CA ARG B 178 1.99 -22.00 10.51
C ARG B 178 1.43 -21.52 9.18
N ASN B 179 0.73 -22.41 8.42
CA ASN B 179 0.07 -22.09 7.15
C ASN B 179 -1.04 -21.06 7.37
N TYR B 180 -1.76 -21.20 8.49
CA TYR B 180 -2.87 -20.34 8.83
C TYR B 180 -2.45 -19.22 9.76
N VAL B 181 -2.34 -17.99 9.23
CA VAL B 181 -1.96 -16.80 10.00
C VAL B 181 -3.17 -15.87 10.26
N PHE B 182 -3.54 -15.77 11.53
CA PHE B 182 -4.65 -14.97 12.07
C PHE B 182 -4.28 -13.53 12.19
N THR B 183 -5.20 -12.72 12.62
CA THR B 183 -4.99 -11.30 12.84
C THR B 183 -5.91 -10.96 13.96
N GLY B 184 -5.35 -10.46 15.04
CA GLY B 184 -6.13 -10.10 16.20
C GLY B 184 -6.70 -8.72 16.11
N TYR B 185 -7.81 -8.48 16.83
CA TYR B 185 -8.47 -7.18 16.90
C TYR B 185 -8.97 -6.94 18.31
N ARG B 186 -9.04 -5.68 18.74
CA ARG B 186 -9.59 -5.29 20.05
C ARG B 186 -10.90 -4.45 19.83
N VAL B 187 -11.98 -4.65 20.65
CA VAL B 187 -13.25 -3.95 20.42
C VAL B 187 -13.24 -2.48 20.87
N THR B 188 -13.08 -1.54 19.91
CA THR B 188 -13.11 -0.11 20.22
C THR B 188 -14.56 0.34 20.50
N LYS B 189 -14.73 1.54 21.08
CA LYS B 189 -16.05 2.09 21.42
C LYS B 189 -17.06 2.06 20.25
N ASN B 190 -16.56 2.20 18.99
CA ASN B 190 -17.40 2.23 17.79
C ASN B 190 -16.93 1.31 16.62
N SER B 191 -15.67 0.81 16.64
CA SER B 191 -15.20 -0.08 15.59
C SER B 191 -14.10 -1.07 16.12
N LYS B 192 -13.13 -1.52 15.27
CA LYS B 192 -12.08 -2.47 15.66
C LYS B 192 -10.64 -1.99 15.30
N VAL B 193 -9.64 -2.39 16.11
CA VAL B 193 -8.25 -2.00 15.91
C VAL B 193 -7.33 -3.23 15.70
N GLN B 194 -6.46 -3.23 14.64
CA GLN B 194 -5.54 -4.34 14.36
C GLN B 194 -4.50 -4.46 15.49
N ILE B 195 -4.43 -5.64 16.11
CA ILE B 195 -3.53 -5.92 17.22
C ILE B 195 -2.44 -6.97 16.81
N GLY B 196 -2.10 -7.02 15.53
CA GLY B 196 -1.05 -7.88 15.01
C GLY B 196 -1.47 -9.22 14.43
N GLU B 197 -0.52 -9.92 13.74
CA GLU B 197 -0.77 -11.25 13.17
C GLU B 197 -0.40 -12.36 14.15
N TYR B 198 -1.13 -13.48 14.07
CA TYR B 198 -1.01 -14.59 14.99
C TYR B 198 -0.99 -15.95 14.34
N THR B 199 -0.46 -16.92 15.04
CA THR B 199 -0.46 -18.31 14.61
C THR B 199 -0.92 -19.14 15.82
N PHE B 200 -1.58 -20.28 15.57
CA PHE B 200 -2.08 -21.09 16.68
C PHE B 200 -1.75 -22.57 16.56
N GLU B 201 -1.71 -23.27 17.70
CA GLU B 201 -1.41 -24.68 17.82
C GLU B 201 -2.08 -25.25 19.10
N LYS B 202 -2.51 -26.52 19.09
CA LYS B 202 -3.18 -27.16 20.24
C LYS B 202 -2.30 -27.29 21.51
N GLY B 203 -2.91 -27.14 22.69
CA GLY B 203 -2.19 -27.22 23.97
C GLY B 203 -2.51 -28.41 24.86
N ALA B 208 -8.10 -24.99 24.54
CA ALA B 208 -6.76 -24.69 25.04
C ALA B 208 -5.79 -24.51 23.88
N VAL B 209 -5.56 -23.27 23.45
CA VAL B 209 -4.67 -22.98 22.32
C VAL B 209 -3.35 -22.33 22.75
N VAL B 210 -2.32 -22.44 21.91
CA VAL B 210 -0.98 -21.92 22.12
C VAL B 210 -0.70 -20.86 21.05
N TYR B 211 -0.74 -19.56 21.41
CA TYR B 211 -0.51 -18.51 20.43
C TYR B 211 0.95 -18.18 20.23
N ARG B 212 1.36 -18.03 18.97
CA ARG B 212 2.72 -17.66 18.60
C ARG B 212 2.62 -16.39 17.74
N GLY B 213 2.30 -15.29 18.39
CA GLY B 213 2.10 -14.02 17.71
C GLY B 213 3.34 -13.38 17.13
N THR B 214 3.17 -12.78 15.94
CA THR B 214 4.22 -12.01 15.24
C THR B 214 4.64 -10.80 16.11
N THR B 215 3.66 -10.20 16.79
CA THR B 215 3.83 -9.06 17.68
C THR B 215 3.88 -9.53 19.16
N THR B 216 4.07 -8.58 20.11
CA THR B 216 4.11 -8.91 21.53
C THR B 216 3.16 -7.98 22.36
N TYR B 217 1.87 -8.39 22.47
CA TYR B 217 0.84 -7.67 23.22
C TYR B 217 0.40 -8.51 24.41
N LYS B 218 -0.03 -7.85 25.50
CA LYS B 218 -0.56 -8.57 26.66
C LYS B 218 -2.06 -8.65 26.39
N LEU B 219 -2.43 -9.41 25.34
CA LEU B 219 -3.80 -9.56 24.88
C LEU B 219 -4.76 -9.96 25.99
N ASN B 220 -5.99 -9.48 25.86
CA ASN B 220 -7.01 -9.68 26.85
C ASN B 220 -8.27 -10.31 26.29
N VAL B 221 -9.14 -10.83 27.17
CA VAL B 221 -10.43 -11.46 26.89
C VAL B 221 -11.30 -10.58 25.97
N GLY B 222 -11.93 -11.19 24.96
CA GLY B 222 -12.78 -10.44 24.04
C GLY B 222 -12.10 -10.08 22.74
N ASP B 223 -10.76 -10.15 22.69
CA ASP B 223 -9.99 -9.88 21.48
C ASP B 223 -10.22 -11.05 20.53
N TYR B 224 -10.59 -10.76 19.30
CA TYR B 224 -10.92 -11.81 18.34
C TYR B 224 -9.86 -11.96 17.20
N PHE B 225 -9.91 -13.09 16.46
CA PHE B 225 -8.93 -13.48 15.43
C PHE B 225 -9.55 -13.92 14.10
N VAL B 226 -9.13 -13.31 13.00
CA VAL B 226 -9.62 -13.70 11.67
C VAL B 226 -8.44 -13.86 10.72
N LEU B 227 -8.60 -14.73 9.73
CA LEU B 227 -7.59 -14.94 8.71
C LEU B 227 -7.66 -13.78 7.72
N THR B 228 -6.67 -12.88 7.73
CA THR B 228 -6.69 -11.70 6.87
C THR B 228 -6.58 -12.03 5.41
N SER B 229 -7.54 -11.54 4.67
CA SER B 229 -7.58 -11.75 3.24
C SER B 229 -7.43 -10.42 2.50
N HIS B 230 -6.76 -10.45 1.35
CA HIS B 230 -6.56 -9.23 0.58
C HIS B 230 -7.16 -9.34 -0.81
N THR B 231 -7.57 -8.18 -1.34
CA THR B 231 -8.25 -8.03 -2.61
C THR B 231 -7.45 -8.53 -3.80
N VAL B 232 -7.99 -9.56 -4.48
CA VAL B 232 -7.41 -10.17 -5.67
C VAL B 232 -7.59 -9.17 -6.84
N MET B 233 -6.49 -8.68 -7.41
CA MET B 233 -6.55 -7.75 -8.55
C MET B 233 -6.59 -8.54 -9.86
N PRO B 234 -7.02 -7.94 -10.98
CA PRO B 234 -7.07 -8.68 -12.24
C PRO B 234 -5.71 -8.79 -12.90
N LEU B 235 -5.50 -9.89 -13.60
CA LEU B 235 -4.24 -10.18 -14.28
C LEU B 235 -4.32 -9.72 -15.71
N SER B 236 -3.26 -9.04 -16.17
CA SER B 236 -3.17 -8.52 -17.54
C SER B 236 -1.98 -9.14 -18.31
N ALA B 237 -0.79 -9.16 -17.70
CA ALA B 237 0.44 -9.69 -18.32
C ALA B 237 0.48 -11.24 -18.32
N PRO B 238 1.11 -11.88 -19.32
CA PRO B 238 1.20 -13.35 -19.29
C PRO B 238 2.01 -13.88 -18.10
N THR B 239 1.89 -15.18 -17.79
CA THR B 239 2.69 -15.82 -16.71
C THR B 239 4.16 -15.96 -17.15
N LEU B 240 4.36 -16.21 -18.48
CA LEU B 240 5.64 -16.29 -19.18
C LEU B 240 5.61 -15.41 -20.43
N VAL B 241 6.54 -14.46 -20.54
CA VAL B 241 6.68 -13.63 -21.73
C VAL B 241 7.11 -14.52 -22.92
N PRO B 242 6.96 -14.06 -24.18
CA PRO B 242 7.43 -14.90 -25.31
C PRO B 242 8.96 -14.99 -25.29
N GLN B 243 9.48 -16.24 -25.45
CA GLN B 243 10.90 -16.54 -25.42
C GLN B 243 11.67 -15.98 -26.62
N GLU B 244 12.88 -15.48 -26.38
CA GLU B 244 13.74 -14.98 -27.44
C GLU B 244 15.13 -15.56 -27.25
N HIS B 245 15.70 -16.16 -28.27
CA HIS B 245 17.06 -16.68 -28.20
C HIS B 245 17.96 -15.77 -28.99
N TYR B 246 19.06 -15.38 -28.39
CA TYR B 246 19.99 -14.45 -28.99
C TYR B 246 21.31 -15.17 -29.36
N VAL B 247 22.07 -14.53 -30.26
CA VAL B 247 23.36 -15.03 -30.72
C VAL B 247 24.55 -14.32 -29.97
N ARG B 248 24.24 -13.37 -29.09
CA ARG B 248 25.18 -12.61 -28.28
C ARG B 248 24.50 -12.19 -26.99
N ILE B 249 25.30 -11.85 -25.95
CA ILE B 249 24.76 -11.32 -24.70
C ILE B 249 24.16 -9.92 -25.02
N THR B 250 22.88 -9.74 -24.68
CA THR B 250 22.13 -8.57 -25.03
C THR B 250 21.93 -7.58 -23.87
N GLY B 251 22.32 -6.33 -24.08
CA GLY B 251 22.13 -5.26 -23.09
C GLY B 251 22.87 -5.39 -21.77
N LEU B 252 23.69 -6.44 -21.67
CA LEU B 252 24.46 -6.73 -20.48
C LEU B 252 25.95 -6.75 -20.83
N TYR B 253 26.77 -6.25 -19.92
CA TYR B 253 28.22 -6.16 -20.15
C TYR B 253 29.02 -6.96 -19.11
N PRO B 254 29.60 -8.11 -19.54
CA PRO B 254 30.33 -8.97 -18.60
C PRO B 254 31.67 -8.39 -18.11
N THR B 255 32.15 -8.92 -17.00
CA THR B 255 33.39 -8.47 -16.37
C THR B 255 34.59 -9.23 -16.97
N LEU B 256 35.80 -8.63 -16.88
CA LEU B 256 37.00 -9.36 -17.33
C LEU B 256 37.61 -10.14 -16.14
N ASN B 257 37.41 -9.65 -14.89
CA ASN B 257 37.89 -10.29 -13.67
C ASN B 257 36.77 -10.84 -12.82
N ILE B 258 36.69 -12.16 -12.67
CA ILE B 258 35.72 -12.77 -11.78
C ILE B 258 36.42 -13.59 -10.71
N SER B 259 35.88 -13.61 -9.48
CA SER B 259 36.48 -14.44 -8.43
C SER B 259 36.23 -15.93 -8.71
N ASP B 260 37.19 -16.80 -8.36
CA ASP B 260 37.11 -18.27 -8.51
C ASP B 260 35.92 -18.90 -7.72
N GLU B 261 35.26 -18.10 -6.87
CA GLU B 261 34.05 -18.51 -6.18
C GLU B 261 32.86 -18.53 -7.17
N PHE B 262 32.85 -17.63 -8.18
CA PHE B 262 31.77 -17.62 -9.18
C PHE B 262 32.13 -18.21 -10.53
N SER B 263 33.40 -18.68 -10.69
CA SER B 263 33.90 -19.23 -11.93
C SER B 263 33.07 -20.42 -12.41
N SER B 264 32.47 -21.18 -11.48
CA SER B 264 31.63 -22.33 -11.79
C SER B 264 30.37 -21.94 -12.58
N ASN B 265 29.90 -20.71 -12.39
CA ASN B 265 28.68 -20.26 -13.04
C ASN B 265 28.88 -19.34 -14.24
N VAL B 266 30.11 -19.15 -14.72
CA VAL B 266 30.43 -18.24 -15.84
C VAL B 266 29.68 -18.62 -17.16
N ALA B 267 29.72 -19.89 -17.56
CA ALA B 267 29.05 -20.34 -18.77
C ALA B 267 27.53 -20.12 -18.66
N ASN B 268 26.94 -20.37 -17.45
CA ASN B 268 25.50 -20.16 -17.20
C ASN B 268 25.12 -18.68 -17.13
N TYR B 269 26.01 -17.80 -16.64
CA TYR B 269 25.72 -16.35 -16.64
C TYR B 269 25.67 -15.83 -18.07
N GLN B 270 26.41 -16.46 -18.99
CA GLN B 270 26.44 -16.07 -20.41
C GLN B 270 25.17 -16.54 -21.08
N LYS B 271 24.71 -17.77 -20.73
CA LYS B 271 23.45 -18.34 -21.19
C LYS B 271 22.31 -17.38 -20.82
N VAL B 272 22.36 -16.78 -19.60
CA VAL B 272 21.42 -15.77 -19.08
C VAL B 272 21.30 -14.52 -20.00
N GLY B 273 22.41 -14.09 -20.59
CA GLY B 273 22.44 -12.95 -21.52
C GLY B 273 22.07 -13.29 -22.96
N MET B 274 22.01 -14.58 -23.31
CA MET B 274 21.67 -15.02 -24.66
C MET B 274 20.26 -15.65 -24.84
N GLN B 275 19.30 -15.33 -23.96
CA GLN B 275 17.89 -15.78 -23.97
C GLN B 275 17.08 -14.66 -23.29
N LYS B 276 15.76 -14.52 -23.56
CA LYS B 276 14.93 -13.49 -22.91
C LYS B 276 14.68 -13.94 -21.45
N TYR B 277 14.35 -15.22 -21.26
CA TYR B 277 14.14 -15.79 -19.96
C TYR B 277 14.90 -17.12 -19.89
N SER B 278 15.30 -17.48 -18.65
CA SER B 278 16.04 -18.71 -18.42
C SER B 278 15.59 -19.38 -17.14
N THR B 279 15.64 -20.73 -17.13
CA THR B 279 15.23 -21.47 -15.94
C THR B 279 16.43 -22.15 -15.26
N LEU B 280 16.50 -22.05 -13.93
CA LEU B 280 17.56 -22.68 -13.17
C LEU B 280 16.98 -23.65 -12.16
N GLN B 281 17.30 -24.93 -12.33
CA GLN B 281 16.91 -25.92 -11.37
C GLN B 281 18.11 -26.18 -10.43
N GLY B 282 17.92 -25.85 -9.17
CA GLY B 282 18.93 -26.07 -8.16
C GLY B 282 18.43 -26.94 -7.04
N PRO B 283 18.76 -28.24 -7.08
CA PRO B 283 18.44 -29.12 -5.96
C PRO B 283 18.89 -28.56 -4.59
N PRO B 284 18.57 -29.20 -3.44
CA PRO B 284 18.99 -28.63 -2.15
C PRO B 284 20.51 -28.52 -1.99
N GLY B 285 20.98 -27.37 -1.52
CA GLY B 285 22.41 -27.17 -1.23
C GLY B 285 23.36 -27.10 -2.43
N THR B 286 22.84 -26.78 -3.65
CA THR B 286 23.65 -26.69 -4.86
C THR B 286 24.13 -25.27 -5.20
N GLY B 287 23.68 -24.23 -4.48
CA GLY B 287 24.16 -22.85 -4.71
C GLY B 287 23.29 -21.82 -5.41
N LYS B 288 21.99 -21.88 -5.20
CA LYS B 288 21.05 -20.99 -5.86
C LYS B 288 21.28 -19.51 -5.52
N SER B 289 21.37 -19.18 -4.23
CA SER B 289 21.56 -17.81 -3.75
C SER B 289 22.89 -17.25 -4.25
N HIS B 290 23.93 -18.10 -4.21
CA HIS B 290 25.27 -17.81 -4.67
C HIS B 290 25.20 -17.45 -6.17
N PHE B 291 24.51 -18.31 -7.00
CA PHE B 291 24.32 -18.08 -8.44
C PHE B 291 23.63 -16.75 -8.66
N ALA B 292 22.50 -16.53 -7.97
CA ALA B 292 21.78 -15.30 -8.11
C ALA B 292 22.61 -14.04 -7.80
N ILE B 293 23.43 -14.04 -6.71
CA ILE B 293 24.24 -12.86 -6.34
C ILE B 293 25.47 -12.70 -7.28
N GLY B 294 26.03 -13.82 -7.69
CA GLY B 294 27.18 -13.83 -8.59
C GLY B 294 26.90 -13.31 -9.98
N LEU B 295 25.65 -13.39 -10.39
CA LEU B 295 25.20 -12.86 -11.66
C LEU B 295 25.37 -11.32 -11.67
N ALA B 296 25.28 -10.66 -10.49
CA ALA B 296 25.48 -9.21 -10.32
C ALA B 296 26.96 -8.82 -10.44
N LEU B 297 27.84 -9.68 -9.97
CA LEU B 297 29.26 -9.48 -10.08
C LEU B 297 29.73 -9.73 -11.55
N TYR B 298 29.06 -10.65 -12.25
CA TYR B 298 29.36 -10.91 -13.65
C TYR B 298 28.89 -9.82 -14.59
N TYR B 299 27.69 -9.23 -14.40
CA TYR B 299 27.22 -8.08 -15.20
C TYR B 299 27.20 -6.92 -14.23
N PRO B 300 28.38 -6.33 -13.96
CA PRO B 300 28.48 -5.37 -12.83
C PRO B 300 27.73 -4.08 -12.92
N SER B 301 27.46 -3.59 -14.13
CA SER B 301 26.72 -2.34 -14.32
C SER B 301 25.19 -2.54 -14.52
N ALA B 302 24.75 -3.80 -14.61
CA ALA B 302 23.35 -4.18 -14.82
C ALA B 302 22.49 -4.00 -13.57
N ARG B 303 21.35 -3.30 -13.70
CA ARG B 303 20.38 -3.12 -12.63
C ARG B 303 19.61 -4.45 -12.46
N ILE B 304 19.66 -5.03 -11.24
CA ILE B 304 19.01 -6.31 -10.99
C ILE B 304 17.92 -6.22 -9.95
N VAL B 305 16.73 -6.72 -10.29
CA VAL B 305 15.66 -6.77 -9.34
C VAL B 305 15.49 -8.20 -8.90
N TYR B 306 15.68 -8.44 -7.59
CA TYR B 306 15.62 -9.72 -6.91
C TYR B 306 14.28 -9.88 -6.24
N THR B 307 13.52 -10.89 -6.66
CA THR B 307 12.17 -11.11 -6.20
C THR B 307 11.93 -12.56 -5.81
N ALA B 308 10.93 -12.76 -4.96
CA ALA B 308 10.44 -14.04 -4.46
C ALA B 308 9.02 -13.81 -3.83
N CYS B 309 8.27 -14.87 -3.53
CA CYS B 309 6.93 -14.75 -2.96
C CYS B 309 6.96 -14.39 -1.51
N SER B 310 7.85 -15.03 -0.75
CA SER B 310 7.93 -14.79 0.70
C SER B 310 8.94 -13.72 1.11
N HIS B 311 8.71 -13.13 2.28
CA HIS B 311 9.64 -12.18 2.84
C HIS B 311 10.97 -12.87 3.20
N ALA B 312 10.92 -14.15 3.68
CA ALA B 312 12.08 -14.93 4.03
C ALA B 312 12.97 -15.22 2.84
N ALA B 313 12.39 -15.51 1.66
CA ALA B 313 13.18 -15.77 0.47
C ALA B 313 13.83 -14.48 -0.04
N VAL B 314 13.17 -13.33 0.07
CA VAL B 314 13.79 -12.05 -0.31
C VAL B 314 14.94 -11.68 0.67
N ASP B 315 14.72 -11.90 1.99
CA ASP B 315 15.65 -11.69 3.10
C ASP B 315 16.91 -12.57 2.94
N ALA B 316 16.73 -13.83 2.52
CA ALA B 316 17.82 -14.76 2.26
C ALA B 316 18.69 -14.29 1.08
N LEU B 317 18.08 -13.61 0.04
CA LEU B 317 18.86 -13.03 -1.06
C LEU B 317 19.65 -11.80 -0.57
N CYS B 318 19.05 -11.00 0.32
CA CYS B 318 19.61 -9.83 0.96
C CYS B 318 20.85 -10.22 1.78
N GLU B 319 20.79 -11.36 2.51
CA GLU B 319 21.90 -11.84 3.33
C GLU B 319 23.09 -12.22 2.48
N LYS B 320 22.85 -12.80 1.28
CA LYS B 320 23.92 -13.16 0.36
C LYS B 320 24.45 -11.90 -0.37
N ALA B 321 23.58 -10.91 -0.67
CA ALA B 321 24.01 -9.69 -1.32
C ALA B 321 24.88 -8.85 -0.38
N LEU B 322 24.51 -8.81 0.91
CA LEU B 322 25.22 -8.09 1.96
C LEU B 322 26.72 -8.51 2.06
N LYS B 323 27.00 -9.78 1.76
CA LYS B 323 28.35 -10.36 1.74
C LYS B 323 29.17 -9.99 0.48
N TYR B 324 28.56 -9.94 -0.74
CA TYR B 324 29.30 -9.70 -2.00
C TYR B 324 29.07 -8.36 -2.74
N LEU B 325 27.90 -7.76 -2.59
CA LEU B 325 27.52 -6.55 -3.31
C LEU B 325 27.61 -5.32 -2.43
N PRO B 326 27.88 -4.12 -3.00
CA PRO B 326 27.98 -2.92 -2.14
C PRO B 326 26.64 -2.55 -1.48
N ILE B 327 26.63 -2.25 -0.15
CA ILE B 327 25.40 -1.89 0.59
C ILE B 327 24.75 -0.67 -0.04
N ASP B 328 25.56 0.35 -0.38
CA ASP B 328 25.13 1.62 -0.97
C ASP B 328 24.44 1.50 -2.33
N LYS B 329 24.53 0.31 -2.97
CA LYS B 329 23.90 0.00 -4.26
C LYS B 329 22.61 -0.85 -4.14
N CYS B 330 22.24 -1.25 -2.89
CA CYS B 330 21.07 -2.08 -2.54
C CYS B 330 19.91 -1.34 -1.84
N SER B 331 18.71 -1.86 -2.07
CA SER B 331 17.49 -1.39 -1.41
C SER B 331 16.53 -2.57 -1.14
N ARG B 332 15.90 -2.57 0.03
CA ARG B 332 14.91 -3.56 0.40
C ARG B 332 13.55 -2.84 0.39
N ILE B 333 12.63 -3.24 -0.54
CA ILE B 333 11.31 -2.62 -0.66
C ILE B 333 10.35 -3.29 0.32
N ILE B 334 9.78 -2.47 1.21
CA ILE B 334 8.87 -2.89 2.27
C ILE B 334 7.50 -2.26 1.99
N PRO B 335 6.43 -3.09 1.84
CA PRO B 335 5.09 -2.50 1.67
C PRO B 335 4.69 -1.72 2.94
N ALA B 336 4.13 -0.50 2.79
CA ALA B 336 3.76 0.32 3.95
C ALA B 336 2.83 -0.41 4.91
N VAL B 340 5.19 -6.86 8.70
CA VAL B 340 5.98 -7.99 9.25
C VAL B 340 7.51 -7.68 9.26
N GLU B 341 8.29 -8.37 10.13
CA GLU B 341 9.72 -8.06 10.26
C GLU B 341 10.63 -8.73 9.25
N CYS B 342 11.35 -7.90 8.50
CA CYS B 342 12.25 -8.37 7.46
C CYS B 342 13.64 -7.67 7.53
N PHE B 343 14.47 -7.78 6.48
CA PHE B 343 15.82 -7.22 6.37
C PHE B 343 15.90 -5.71 6.67
N ASP B 344 16.80 -5.32 7.61
CA ASP B 344 16.96 -3.93 8.03
C ASP B 344 18.32 -3.29 7.67
N LYS B 345 19.14 -3.97 6.87
CA LYS B 345 20.49 -3.50 6.59
C LYS B 345 20.67 -2.76 5.24
N PHE B 346 19.60 -2.57 4.43
CA PHE B 346 19.69 -1.80 3.17
C PHE B 346 18.88 -0.50 3.29
N LYS B 347 19.14 0.51 2.44
CA LYS B 347 18.31 1.74 2.45
C LYS B 347 16.91 1.33 1.98
N VAL B 348 15.88 1.47 2.84
CA VAL B 348 14.50 1.01 2.56
C VAL B 348 13.71 1.90 1.57
N ASN B 349 12.98 1.24 0.65
CA ASN B 349 12.04 1.80 -0.34
C ASN B 349 12.66 2.73 -1.39
N SER B 350 13.98 2.66 -1.60
CA SER B 350 14.63 3.48 -2.63
C SER B 350 14.54 2.67 -3.92
N THR B 351 13.41 2.80 -4.63
CA THR B 351 13.08 2.10 -5.87
C THR B 351 14.15 2.23 -6.97
N LEU B 352 14.85 3.39 -7.02
CA LEU B 352 15.84 3.62 -8.06
C LEU B 352 17.28 3.09 -7.77
N GLU B 353 17.46 2.28 -6.72
CA GLU B 353 18.77 1.70 -6.43
C GLU B 353 19.11 0.60 -7.46
N GLN B 354 20.43 0.32 -7.71
CA GLN B 354 20.85 -0.67 -8.70
C GLN B 354 20.36 -2.08 -8.39
N TYR B 355 20.37 -2.47 -7.11
CA TYR B 355 19.94 -3.78 -6.65
C TYR B 355 18.74 -3.65 -5.79
N VAL B 356 17.58 -4.09 -6.28
CA VAL B 356 16.34 -3.97 -5.53
C VAL B 356 15.81 -5.32 -5.12
N PHE B 357 15.64 -5.51 -3.83
CA PHE B 357 15.15 -6.76 -3.26
C PHE B 357 13.72 -6.47 -2.82
N CYS B 358 12.76 -7.26 -3.30
CA CYS B 358 11.36 -7.02 -3.02
C CYS B 358 10.48 -8.27 -3.27
N THR B 359 9.44 -8.48 -2.41
CA THR B 359 8.50 -9.58 -2.62
C THR B 359 7.59 -9.26 -3.83
N VAL B 360 7.06 -10.30 -4.51
CA VAL B 360 6.16 -10.08 -5.65
C VAL B 360 4.98 -9.10 -5.36
N ASN B 361 4.26 -9.28 -4.23
CA ASN B 361 3.11 -8.42 -3.86
C ASN B 361 3.47 -6.93 -3.60
N ALA B 362 4.76 -6.61 -3.42
CA ALA B 362 5.18 -5.23 -3.15
C ALA B 362 5.95 -4.56 -4.29
N LEU B 363 6.18 -5.28 -5.42
CA LEU B 363 6.92 -4.77 -6.57
C LEU B 363 6.36 -3.46 -7.09
N PRO B 364 7.22 -2.47 -7.29
CA PRO B 364 6.76 -1.25 -7.94
C PRO B 364 6.79 -1.41 -9.48
N GLU B 365 6.26 -0.40 -10.18
CA GLU B 365 6.24 -0.42 -11.64
C GLU B 365 7.53 0.17 -12.10
N THR B 366 8.46 -0.69 -12.46
CA THR B 366 9.81 -0.31 -12.86
C THR B 366 10.40 -1.28 -13.92
N THR B 367 11.54 -0.90 -14.51
CA THR B 367 12.23 -1.71 -15.51
C THR B 367 13.57 -2.17 -14.98
N ALA B 368 14.12 -3.25 -15.54
CA ALA B 368 15.40 -3.77 -15.09
C ALA B 368 16.24 -4.39 -16.22
N ASP B 369 17.56 -4.51 -16.01
CA ASP B 369 18.42 -5.18 -16.99
C ASP B 369 18.23 -6.69 -16.81
N ILE B 370 18.14 -7.16 -15.54
CA ILE B 370 17.86 -8.54 -15.16
C ILE B 370 16.84 -8.54 -14.02
N VAL B 371 15.93 -9.52 -14.03
CA VAL B 371 14.99 -9.78 -12.96
C VAL B 371 15.27 -11.22 -12.51
N VAL B 372 15.55 -11.43 -11.22
CA VAL B 372 15.78 -12.75 -10.68
C VAL B 372 14.58 -13.12 -9.81
N PHE B 373 13.89 -14.24 -10.09
CA PHE B 373 12.75 -14.72 -9.33
C PHE B 373 13.21 -16.05 -8.69
N ASP B 374 13.39 -16.06 -7.35
CA ASP B 374 13.83 -17.23 -6.58
C ASP B 374 12.66 -18.01 -5.95
N GLU B 375 12.94 -19.29 -5.56
CA GLU B 375 12.03 -20.28 -4.97
C GLU B 375 10.81 -20.41 -5.88
N ILE B 376 11.07 -20.69 -7.19
CA ILE B 376 10.06 -20.74 -8.25
C ILE B 376 9.02 -21.85 -8.04
N SER B 377 9.32 -22.96 -7.33
CA SER B 377 8.31 -23.98 -7.06
C SER B 377 7.15 -23.46 -6.17
N MET B 378 7.46 -22.43 -5.34
CA MET B 378 6.52 -21.73 -4.42
C MET B 378 5.62 -20.69 -5.11
N ALA B 379 5.93 -20.31 -6.35
CA ALA B 379 5.13 -19.36 -7.10
C ALA B 379 3.90 -20.05 -7.70
N THR B 380 2.84 -19.23 -7.85
CA THR B 380 1.60 -19.59 -8.54
C THR B 380 1.63 -18.80 -9.88
N ASN B 381 0.72 -19.14 -10.82
CA ASN B 381 0.64 -18.38 -12.08
C ASN B 381 0.21 -16.91 -11.83
N TYR B 382 -0.48 -16.66 -10.71
CA TYR B 382 -0.88 -15.33 -10.31
C TYR B 382 0.39 -14.49 -10.06
N ASP B 383 1.33 -15.04 -9.29
CA ASP B 383 2.60 -14.38 -8.98
C ASP B 383 3.42 -14.14 -10.24
N LEU B 384 3.50 -15.17 -11.12
CA LEU B 384 4.21 -15.14 -12.41
C LEU B 384 3.69 -13.99 -13.30
N SER B 385 2.37 -13.79 -13.34
CA SER B 385 1.73 -12.75 -14.13
C SER B 385 1.99 -11.35 -13.56
N VAL B 386 1.90 -11.22 -12.21
CA VAL B 386 2.12 -9.95 -11.51
C VAL B 386 3.54 -9.46 -11.76
N VAL B 387 4.54 -10.37 -11.72
CA VAL B 387 5.92 -10.01 -12.00
C VAL B 387 6.06 -9.46 -13.41
N ASN B 388 5.46 -10.12 -14.42
CA ASN B 388 5.53 -9.65 -15.81
C ASN B 388 4.82 -8.30 -16.04
N ALA B 389 3.86 -7.95 -15.17
CA ALA B 389 3.09 -6.70 -15.22
C ALA B 389 3.79 -5.53 -14.51
N ARG B 390 4.43 -5.80 -13.37
CA ARG B 390 5.11 -4.75 -12.62
C ARG B 390 6.48 -4.39 -13.25
N LEU B 391 7.26 -5.43 -13.69
CA LEU B 391 8.64 -5.36 -14.20
C LEU B 391 8.83 -5.63 -15.71
N ARG B 392 9.47 -4.69 -16.43
CA ARG B 392 9.81 -4.84 -17.85
C ARG B 392 11.34 -5.00 -17.91
N ALA B 393 11.81 -6.21 -18.17
CA ALA B 393 13.23 -6.52 -18.14
C ALA B 393 13.84 -7.03 -19.45
N LYS B 394 15.17 -6.85 -19.62
CA LYS B 394 15.89 -7.37 -20.77
C LYS B 394 15.99 -8.91 -20.61
N HIS B 395 16.24 -9.39 -19.38
CA HIS B 395 16.40 -10.81 -19.08
C HIS B 395 15.69 -11.18 -17.79
N TYR B 396 15.09 -12.36 -17.77
CA TYR B 396 14.33 -12.86 -16.63
C TYR B 396 14.93 -14.19 -16.22
N VAL B 397 15.32 -14.34 -14.95
CA VAL B 397 15.90 -15.60 -14.48
C VAL B 397 15.00 -16.22 -13.41
N TYR B 398 14.55 -17.46 -13.64
CA TYR B 398 13.66 -18.15 -12.73
C TYR B 398 14.46 -19.22 -12.04
N ILE B 399 14.68 -19.05 -10.74
CA ILE B 399 15.45 -19.95 -9.89
C ILE B 399 14.57 -20.73 -8.90
N GLY B 400 14.83 -22.00 -8.79
CA GLY B 400 14.07 -22.86 -7.88
C GLY B 400 14.31 -24.33 -8.16
N ASP B 401 13.37 -25.21 -7.78
CA ASP B 401 13.50 -26.65 -8.01
C ASP B 401 12.09 -27.26 -8.02
N PRO B 402 11.61 -27.83 -9.17
CA PRO B 402 10.26 -28.43 -9.18
C PRO B 402 10.15 -29.70 -8.32
N ALA B 403 11.26 -30.17 -7.75
CA ALA B 403 11.32 -31.32 -6.84
C ALA B 403 11.18 -30.92 -5.35
N GLN B 404 11.01 -29.63 -5.07
CA GLN B 404 10.74 -29.12 -3.76
C GLN B 404 9.25 -28.76 -3.62
N LEU B 405 8.87 -28.18 -2.50
CA LEU B 405 7.49 -27.91 -2.20
C LEU B 405 6.88 -26.71 -2.92
N PRO B 406 5.65 -26.94 -3.44
CA PRO B 406 4.91 -25.87 -4.08
C PRO B 406 4.17 -24.99 -3.07
N ALA B 407 3.47 -23.93 -3.54
CA ALA B 407 2.64 -23.09 -2.66
C ALA B 407 1.48 -23.97 -2.18
N PRO B 408 1.08 -23.85 -0.91
CA PRO B 408 -0.02 -24.70 -0.42
C PRO B 408 -1.33 -24.36 -1.14
N ARG B 409 -1.98 -25.35 -1.76
CA ARG B 409 -3.25 -25.11 -2.40
C ARG B 409 -4.32 -25.48 -1.40
N THR B 410 -4.77 -24.47 -0.62
CA THR B 410 -5.74 -24.63 0.48
C THR B 410 -7.00 -25.35 0.07
N LEU B 411 -7.63 -24.97 -1.06
CA LEU B 411 -8.89 -25.62 -1.48
C LEU B 411 -8.70 -27.04 -2.00
N LEU B 412 -7.50 -27.42 -2.41
CA LEU B 412 -7.25 -28.73 -2.99
C LEU B 412 -7.26 -29.88 -1.97
N THR B 413 -8.25 -30.79 -2.10
CA THR B 413 -8.41 -31.93 -1.19
C THR B 413 -8.43 -33.30 -1.93
N LYS B 414 -8.79 -33.30 -3.21
CA LYS B 414 -8.89 -34.54 -3.97
C LYS B 414 -7.86 -34.59 -5.10
N GLY B 415 -7.03 -35.62 -5.09
CA GLY B 415 -6.00 -35.81 -6.10
C GLY B 415 -4.68 -35.19 -5.69
N THR B 416 -3.59 -35.59 -6.39
CA THR B 416 -2.26 -35.04 -6.11
C THR B 416 -1.78 -34.15 -7.27
N LEU B 417 -1.22 -32.99 -6.92
CA LEU B 417 -0.69 -32.02 -7.88
C LEU B 417 0.77 -32.31 -8.25
N GLU B 418 1.04 -32.74 -9.48
CA GLU B 418 2.37 -33.02 -9.94
C GLU B 418 3.19 -31.73 -10.20
N PRO B 419 4.56 -31.78 -10.07
CA PRO B 419 5.42 -30.59 -10.30
C PRO B 419 5.20 -29.83 -11.60
N GLU B 420 4.93 -30.56 -12.72
CA GLU B 420 4.64 -29.92 -14.00
C GLU B 420 3.38 -29.03 -13.99
N TYR B 421 2.58 -29.10 -12.90
CA TYR B 421 1.36 -28.32 -12.74
C TYR B 421 1.45 -27.24 -11.62
N PHE B 422 2.67 -26.99 -11.04
CA PHE B 422 2.84 -25.97 -9.97
C PHE B 422 2.67 -24.57 -10.53
N ASN B 423 3.33 -24.29 -11.63
CA ASN B 423 3.24 -23.04 -12.37
C ASN B 423 3.76 -23.26 -13.81
N SER B 424 3.80 -22.18 -14.64
CA SER B 424 4.24 -22.25 -16.03
C SER B 424 5.74 -22.56 -16.15
N VAL B 425 6.56 -22.01 -15.20
CA VAL B 425 8.01 -22.22 -15.14
C VAL B 425 8.30 -23.68 -14.79
N CYS B 426 7.59 -24.23 -13.78
CA CYS B 426 7.75 -25.64 -13.41
C CYS B 426 7.30 -26.56 -14.51
N ARG B 427 6.24 -26.17 -15.24
CA ARG B 427 5.74 -26.88 -16.42
C ARG B 427 6.86 -27.03 -17.43
N LEU B 428 7.56 -25.93 -17.74
CA LEU B 428 8.72 -25.97 -18.64
C LEU B 428 9.85 -26.83 -18.09
N MET B 429 10.30 -26.60 -16.82
CA MET B 429 11.38 -27.40 -16.22
C MET B 429 11.10 -28.91 -16.22
N LYS B 430 9.84 -29.32 -16.12
CA LYS B 430 9.48 -30.73 -16.08
C LYS B 430 9.19 -31.36 -17.47
N THR B 431 8.95 -30.53 -18.50
CA THR B 431 8.63 -31.06 -19.82
C THR B 431 9.85 -30.93 -20.79
N ILE B 432 10.28 -29.69 -21.10
CA ILE B 432 11.44 -29.41 -21.96
C ILE B 432 12.80 -29.38 -21.19
N GLY B 433 12.75 -29.53 -19.85
CA GLY B 433 13.93 -29.47 -18.99
C GLY B 433 14.32 -28.05 -18.63
N PRO B 434 15.12 -27.88 -17.54
CA PRO B 434 15.56 -26.51 -17.19
C PRO B 434 16.73 -26.06 -18.05
N ASP B 435 16.86 -24.76 -18.28
CA ASP B 435 17.97 -24.23 -19.10
C ASP B 435 19.31 -24.50 -18.41
N MET B 436 19.33 -24.36 -17.08
CA MET B 436 20.52 -24.55 -16.29
C MET B 436 20.25 -25.43 -15.10
N PHE B 437 21.27 -26.18 -14.72
CA PHE B 437 21.15 -27.09 -13.60
C PHE B 437 22.41 -27.08 -12.69
N LEU B 438 22.23 -26.76 -11.37
CA LEU B 438 23.31 -26.80 -10.35
C LEU B 438 23.39 -28.25 -9.88
N GLY B 439 24.36 -28.98 -10.41
CA GLY B 439 24.45 -30.41 -10.20
C GLY B 439 25.25 -30.92 -9.03
N THR B 440 25.88 -30.05 -8.23
CA THR B 440 26.63 -30.58 -7.09
C THR B 440 26.08 -30.07 -5.80
N CYS B 441 25.55 -31.01 -5.01
CA CYS B 441 25.02 -30.71 -3.69
C CYS B 441 26.18 -30.67 -2.71
N ARG B 442 26.44 -29.51 -2.14
CA ARG B 442 27.53 -29.36 -1.18
C ARG B 442 27.13 -29.58 0.28
N ARG B 443 25.84 -29.75 0.57
CA ARG B 443 25.38 -29.84 1.93
C ARG B 443 25.33 -31.25 2.53
N CYS B 444 24.73 -32.17 1.83
CA CYS B 444 24.36 -33.45 2.40
C CYS B 444 25.40 -34.54 2.31
N PRO B 445 25.39 -35.47 3.30
CA PRO B 445 26.24 -36.67 3.19
C PRO B 445 25.83 -37.48 1.95
N ALA B 446 26.77 -38.18 1.30
CA ALA B 446 26.47 -38.92 0.07
C ALA B 446 25.24 -39.87 0.14
N GLU B 447 24.95 -40.53 1.28
CA GLU B 447 23.76 -41.41 1.40
C GLU B 447 22.46 -40.69 1.02
N ILE B 448 22.30 -39.45 1.50
CA ILE B 448 21.17 -38.58 1.24
C ILE B 448 21.18 -38.13 -0.22
N VAL B 449 22.34 -37.69 -0.73
CA VAL B 449 22.46 -37.21 -2.11
C VAL B 449 22.11 -38.28 -3.12
N ASP B 450 22.60 -39.51 -2.91
CA ASP B 450 22.35 -40.65 -3.77
C ASP B 450 20.85 -41.08 -3.76
N THR B 451 20.15 -40.84 -2.63
CA THR B 451 18.73 -41.15 -2.48
C THR B 451 17.87 -40.20 -3.27
N VAL B 452 18.07 -38.87 -3.09
CA VAL B 452 17.22 -37.88 -3.75
C VAL B 452 17.58 -37.76 -5.24
N SER B 453 18.83 -38.01 -5.62
CA SER B 453 19.28 -38.00 -7.01
C SER B 453 18.50 -39.05 -7.81
N ALA B 454 18.37 -40.27 -7.26
CA ALA B 454 17.60 -41.35 -7.92
C ALA B 454 16.10 -41.18 -7.76
N LEU B 455 15.65 -40.51 -6.70
CA LEU B 455 14.23 -40.31 -6.44
C LEU B 455 13.61 -39.24 -7.30
N VAL B 456 14.20 -38.01 -7.32
CA VAL B 456 13.57 -36.91 -8.04
C VAL B 456 14.47 -36.22 -9.12
N TYR B 457 15.79 -36.53 -9.22
CA TYR B 457 16.69 -35.81 -10.14
C TYR B 457 17.31 -36.64 -11.29
N ASP B 458 16.66 -37.70 -11.79
CA ASP B 458 17.22 -38.53 -12.92
C ASP B 458 18.74 -38.90 -12.77
N ASN B 459 19.22 -39.15 -11.53
CA ASN B 459 20.61 -39.48 -11.22
C ASN B 459 21.63 -38.43 -11.67
N LYS B 460 21.20 -37.17 -11.79
CA LYS B 460 22.09 -36.09 -12.22
C LYS B 460 22.57 -35.17 -11.07
N LEU B 461 22.17 -35.46 -9.82
CA LEU B 461 22.64 -34.70 -8.68
C LEU B 461 23.82 -35.49 -8.11
N LYS B 462 24.96 -34.83 -7.92
CA LYS B 462 26.18 -35.49 -7.45
C LYS B 462 26.58 -35.04 -6.04
N ALA B 463 27.25 -35.94 -5.30
CA ALA B 463 27.63 -35.63 -3.93
C ALA B 463 29.02 -35.02 -3.86
N HIS B 464 29.13 -33.85 -3.21
CA HIS B 464 30.41 -33.21 -2.95
C HIS B 464 31.00 -33.87 -1.67
N LYS B 465 30.19 -33.98 -0.59
CA LYS B 465 30.60 -34.65 0.63
C LYS B 465 30.68 -36.17 0.42
N ASP B 466 31.45 -36.82 1.27
CA ASP B 466 31.54 -38.28 1.26
C ASP B 466 30.32 -38.82 2.10
N LYS B 467 30.16 -40.16 2.18
CA LYS B 467 29.11 -40.76 3.02
C LYS B 467 29.51 -40.46 4.48
N SER B 468 28.60 -39.94 5.29
CA SER B 468 28.87 -39.65 6.70
C SER B 468 28.85 -40.90 7.59
N ALA B 469 28.17 -41.99 7.13
CA ALA B 469 27.84 -43.21 7.90
C ALA B 469 27.00 -42.90 9.15
N GLN B 470 26.21 -41.82 9.06
CA GLN B 470 25.32 -41.33 10.10
C GLN B 470 23.89 -41.18 9.56
N CYS B 471 23.50 -42.01 8.59
CA CYS B 471 22.22 -41.93 7.94
C CYS B 471 21.58 -43.27 8.17
N PHE B 472 20.55 -43.27 9.00
CA PHE B 472 19.83 -44.44 9.46
C PHE B 472 18.37 -44.37 9.12
N LYS B 473 17.81 -45.54 8.86
CA LYS B 473 16.42 -45.74 8.50
C LYS B 473 15.85 -46.94 9.32
N MET B 474 14.66 -46.76 9.92
N MET B 474 14.67 -46.76 9.90
CA MET B 474 14.00 -47.84 10.65
CA MET B 474 14.01 -47.79 10.68
C MET B 474 12.62 -47.97 10.10
C MET B 474 12.62 -47.97 10.12
N PHE B 475 12.16 -49.21 9.92
CA PHE B 475 10.81 -49.45 9.45
C PHE B 475 9.90 -49.72 10.69
N TYR B 476 9.02 -48.76 11.03
CA TYR B 476 8.17 -48.88 12.21
C TYR B 476 6.85 -48.15 12.02
N LYS B 477 5.75 -48.88 11.77
CA LYS B 477 4.44 -48.26 11.53
C LYS B 477 3.80 -47.56 12.78
N GLY B 478 4.07 -48.12 13.97
CA GLY B 478 3.60 -47.55 15.24
C GLY B 478 2.09 -47.58 15.40
N VAL B 479 1.54 -46.48 15.92
CA VAL B 479 0.10 -46.31 16.16
C VAL B 479 -0.27 -44.90 15.73
N ILE B 480 -1.20 -44.80 14.79
CA ILE B 480 -1.64 -43.49 14.31
C ILE B 480 -2.89 -43.02 15.01
N THR B 481 -2.75 -41.94 15.75
CA THR B 481 -3.88 -41.27 16.36
C THR B 481 -4.13 -39.98 15.55
N HIS B 482 -5.42 -39.66 15.42
CA HIS B 482 -5.88 -38.53 14.65
C HIS B 482 -6.47 -37.51 15.54
N ASP B 483 -6.25 -36.25 15.23
CA ASP B 483 -6.89 -35.17 15.97
C ASP B 483 -7.87 -34.45 14.99
N VAL B 484 -8.15 -33.17 15.21
CA VAL B 484 -9.08 -32.42 14.36
C VAL B 484 -8.63 -32.39 12.86
N SER B 485 -7.34 -32.14 12.58
CA SER B 485 -6.87 -32.08 11.19
C SER B 485 -5.34 -32.27 11.14
N SER B 486 -4.84 -33.32 11.82
CA SER B 486 -3.43 -33.68 11.86
C SER B 486 -3.25 -35.12 12.38
N ALA B 487 -2.04 -35.70 12.21
CA ALA B 487 -1.76 -37.03 12.73
C ALA B 487 -0.61 -37.03 13.78
N ILE B 488 -0.74 -37.91 14.74
CA ILE B 488 0.21 -38.15 15.81
C ILE B 488 0.58 -39.66 15.79
N ASN B 489 1.87 -39.98 15.98
CA ASN B 489 2.37 -41.35 16.06
C ASN B 489 3.31 -41.42 17.26
N ARG B 490 2.72 -41.59 18.47
CA ARG B 490 3.47 -41.70 19.74
C ARG B 490 4.47 -42.83 19.75
N PRO B 491 4.18 -44.07 19.29
CA PRO B 491 5.25 -45.11 19.25
C PRO B 491 6.46 -44.74 18.37
N GLN B 492 6.29 -43.86 17.32
CA GLN B 492 7.44 -43.39 16.52
C GLN B 492 8.29 -42.36 17.32
N ILE B 493 7.64 -41.52 18.15
CA ILE B 493 8.35 -40.61 19.04
C ILE B 493 9.02 -41.41 20.20
N GLY B 494 8.38 -42.49 20.64
CA GLY B 494 8.91 -43.40 21.64
C GLY B 494 10.13 -44.15 21.13
N VAL B 495 10.16 -44.48 19.84
CA VAL B 495 11.32 -45.14 19.22
C VAL B 495 12.50 -44.13 19.18
N VAL B 496 12.22 -42.84 18.87
CA VAL B 496 13.21 -41.75 18.82
C VAL B 496 13.76 -41.48 20.21
N ARG B 497 12.91 -41.57 21.24
CA ARG B 497 13.31 -41.41 22.65
C ARG B 497 14.30 -42.50 23.06
N GLU B 498 14.04 -43.79 22.71
CA GLU B 498 14.92 -44.91 22.99
C GLU B 498 16.26 -44.80 22.24
N PHE B 499 16.23 -44.33 20.97
CA PHE B 499 17.42 -44.08 20.16
C PHE B 499 18.25 -42.96 20.81
N LEU B 500 17.60 -41.89 21.28
CA LEU B 500 18.28 -40.76 21.90
C LEU B 500 19.00 -41.14 23.19
N THR B 501 18.44 -42.06 24.01
CA THR B 501 19.12 -42.50 25.24
C THR B 501 20.41 -43.28 24.92
N ARG B 502 20.39 -44.03 23.81
CA ARG B 502 21.54 -44.78 23.38
C ARG B 502 22.55 -43.98 22.52
N ASN B 503 22.15 -42.84 21.86
CA ASN B 503 22.96 -41.99 20.98
C ASN B 503 22.76 -40.51 21.33
N PRO B 504 23.20 -40.09 22.55
CA PRO B 504 22.97 -38.71 22.99
C PRO B 504 23.67 -37.63 22.17
N ALA B 505 24.55 -38.01 21.23
CA ALA B 505 25.17 -37.04 20.32
C ALA B 505 24.05 -36.40 19.40
N TRP B 506 22.97 -37.16 19.16
CA TRP B 506 21.80 -36.75 18.39
C TRP B 506 20.87 -35.81 19.16
N ARG B 507 21.20 -35.41 20.40
CA ARG B 507 20.38 -34.47 21.13
C ARG B 507 20.49 -33.07 20.54
N LYS B 508 21.52 -32.77 19.77
CA LYS B 508 21.62 -31.51 19.04
C LYS B 508 20.82 -31.54 17.70
N ALA B 509 20.07 -32.62 17.41
CA ALA B 509 19.26 -32.75 16.18
C ALA B 509 17.96 -31.92 16.21
N VAL B 510 17.46 -31.57 15.00
CA VAL B 510 16.16 -30.96 14.77
C VAL B 510 15.19 -32.10 14.45
N PHE B 511 14.04 -32.11 15.08
CA PHE B 511 12.95 -33.07 14.84
C PHE B 511 12.05 -32.56 13.68
N ILE B 512 11.87 -33.39 12.65
CA ILE B 512 11.06 -33.06 11.49
C ILE B 512 9.99 -34.16 11.25
N SER B 513 8.78 -33.74 10.87
CA SER B 513 7.66 -34.63 10.53
C SER B 513 6.70 -33.88 9.62
N PRO B 514 5.83 -34.59 8.89
CA PRO B 514 4.86 -33.90 8.02
C PRO B 514 3.69 -33.23 8.74
N TYR B 515 3.55 -33.43 10.07
CA TYR B 515 2.42 -32.92 10.86
C TYR B 515 2.83 -32.08 12.05
N ASN B 516 2.18 -30.94 12.21
CA ASN B 516 2.43 -30.03 13.32
C ASN B 516 2.05 -30.67 14.67
N SER B 517 1.02 -31.54 14.68
CA SER B 517 0.59 -32.22 15.90
C SER B 517 1.55 -33.29 16.33
N GLN B 518 2.24 -33.95 15.39
CA GLN B 518 3.27 -34.92 15.71
C GLN B 518 4.45 -34.15 16.39
N ASN B 519 4.84 -33.02 15.79
CA ASN B 519 5.88 -32.09 16.24
C ASN B 519 5.61 -31.49 17.63
N ALA B 520 4.35 -31.32 18.02
CA ALA B 520 4.00 -30.75 19.32
C ALA B 520 4.21 -31.80 20.45
N VAL B 521 3.80 -33.05 20.15
CA VAL B 521 3.99 -34.21 21.00
C VAL B 521 5.50 -34.50 21.12
N ALA B 522 6.26 -34.38 20.02
CA ALA B 522 7.70 -34.68 20.06
C ALA B 522 8.48 -33.58 20.76
N SER B 523 8.01 -32.31 20.72
CA SER B 523 8.68 -31.22 21.41
C SER B 523 8.60 -31.44 22.92
N LYS B 524 7.44 -31.87 23.41
CA LYS B 524 7.25 -32.12 24.83
C LYS B 524 7.98 -33.44 25.28
N ILE B 525 7.86 -34.56 24.56
CA ILE B 525 8.52 -35.83 24.92
C ILE B 525 10.06 -35.83 24.72
N LEU B 526 10.54 -35.30 23.58
CA LEU B 526 11.97 -35.34 23.25
C LEU B 526 12.72 -34.10 23.63
N GLY B 527 12.04 -32.96 23.66
CA GLY B 527 12.71 -31.71 23.96
C GLY B 527 13.55 -31.13 22.83
N LEU B 528 13.56 -31.81 21.66
CA LEU B 528 14.27 -31.38 20.45
C LEU B 528 13.50 -30.23 19.79
N PRO B 529 14.21 -29.30 19.09
CA PRO B 529 13.49 -28.28 18.30
C PRO B 529 12.73 -28.96 17.15
N THR B 530 11.56 -28.43 16.79
CA THR B 530 10.76 -29.07 15.73
C THR B 530 10.52 -28.15 14.52
N GLN B 531 10.26 -28.78 13.38
CA GLN B 531 9.94 -28.16 12.09
C GLN B 531 9.08 -29.14 11.31
N THR B 532 8.03 -28.65 10.67
CA THR B 532 7.32 -29.50 9.71
C THR B 532 8.20 -29.51 8.45
N VAL B 533 8.00 -30.48 7.55
CA VAL B 533 8.79 -30.52 6.30
C VAL B 533 8.66 -29.19 5.49
N ASP B 534 7.43 -28.67 5.43
CA ASP B 534 7.09 -27.46 4.72
C ASP B 534 7.76 -26.21 5.31
N SER B 535 7.91 -26.15 6.63
CA SER B 535 8.60 -25.02 7.27
C SER B 535 10.13 -25.19 7.30
N SER B 536 10.62 -26.42 7.06
CA SER B 536 12.06 -26.67 7.07
C SER B 536 12.71 -26.27 5.73
N GLN B 537 11.94 -26.22 4.61
CA GLN B 537 12.41 -25.88 3.25
C GLN B 537 13.21 -24.59 3.23
N GLY B 538 14.43 -24.69 2.72
CA GLY B 538 15.36 -23.57 2.68
C GLY B 538 16.31 -23.48 3.88
N SER B 539 16.13 -24.38 4.88
CA SER B 539 16.95 -24.47 6.09
C SER B 539 17.84 -25.72 6.09
N GLU B 540 18.93 -25.68 6.89
CA GLU B 540 19.84 -26.83 7.03
C GLU B 540 20.25 -27.01 8.48
N TYR B 541 20.47 -28.27 8.89
CA TYR B 541 20.83 -28.66 10.26
C TYR B 541 21.86 -29.80 10.22
N ASP B 542 22.77 -29.92 11.20
CA ASP B 542 23.77 -31.00 11.21
C ASP B 542 23.06 -32.36 11.33
N TYR B 543 22.11 -32.44 12.27
CA TYR B 543 21.38 -33.67 12.46
C TYR B 543 19.91 -33.44 12.35
N VAL B 544 19.24 -34.43 11.78
CA VAL B 544 17.82 -34.37 11.51
C VAL B 544 17.22 -35.70 11.94
N ILE B 545 16.16 -35.66 12.74
CA ILE B 545 15.41 -36.87 13.08
C ILE B 545 14.03 -36.70 12.47
N PHE B 546 13.69 -37.56 11.52
CA PHE B 546 12.44 -37.52 10.79
C PHE B 546 11.54 -38.72 11.10
N THR B 547 10.28 -38.47 11.57
CA THR B 547 9.29 -39.54 11.76
C THR B 547 8.21 -39.32 10.68
N GLN B 548 7.99 -40.34 9.82
CA GLN B 548 7.01 -40.19 8.74
C GLN B 548 5.57 -40.03 9.23
N THR B 549 5.27 -40.53 10.45
CA THR B 549 3.96 -40.44 11.16
C THR B 549 2.87 -41.33 10.49
N THR B 550 2.46 -41.03 9.26
CA THR B 550 1.43 -41.80 8.57
C THR B 550 1.97 -42.36 7.23
N GLU B 551 1.17 -43.19 6.56
CA GLU B 551 1.50 -43.73 5.26
C GLU B 551 0.54 -43.12 4.21
N THR B 552 0.12 -41.84 4.40
CA THR B 552 -0.79 -41.09 3.52
C THR B 552 -0.10 -40.53 2.25
N ALA B 553 -0.88 -39.94 1.33
CA ALA B 553 -0.33 -39.30 0.14
C ALA B 553 0.49 -38.05 0.52
N HIS B 554 0.14 -37.39 1.65
CA HIS B 554 0.82 -36.20 2.15
C HIS B 554 2.23 -36.57 2.66
N SER B 555 2.31 -37.60 3.50
CA SER B 555 3.56 -38.00 4.08
C SER B 555 4.42 -38.81 3.08
N CYS B 556 3.80 -39.44 2.04
CA CYS B 556 4.54 -40.14 0.98
C CYS B 556 4.87 -39.29 -0.23
N ASN B 557 4.54 -37.98 -0.20
CA ASN B 557 4.83 -37.09 -1.32
C ASN B 557 6.34 -37.06 -1.54
N VAL B 558 6.80 -37.31 -2.78
CA VAL B 558 8.23 -37.38 -3.04
C VAL B 558 8.89 -36.02 -2.91
N ASN B 559 8.18 -34.92 -3.23
CA ASN B 559 8.78 -33.58 -3.10
C ASN B 559 8.99 -33.20 -1.66
N ARG B 560 8.02 -33.58 -0.79
CA ARG B 560 8.10 -33.35 0.64
C ARG B 560 9.17 -34.29 1.26
N PHE B 561 9.28 -35.52 0.75
CA PHE B 561 10.29 -36.45 1.22
C PHE B 561 11.71 -35.98 0.92
N ASN B 562 11.89 -35.44 -0.31
CA ASN B 562 13.12 -34.87 -0.83
C ASN B 562 13.54 -33.70 0.08
N VAL B 563 12.60 -32.79 0.41
CA VAL B 563 12.92 -31.68 1.31
C VAL B 563 13.28 -32.22 2.71
N ALA B 564 12.48 -33.14 3.25
CA ALA B 564 12.73 -33.71 4.58
C ALA B 564 14.16 -34.26 4.75
N ILE B 565 14.62 -35.20 3.91
CA ILE B 565 15.92 -35.77 4.09
C ILE B 565 17.09 -34.82 3.64
N THR B 566 16.84 -33.80 2.78
CA THR B 566 17.92 -32.90 2.34
C THR B 566 18.15 -31.70 3.28
N ARG B 567 17.60 -31.74 4.51
CA ARG B 567 17.85 -30.68 5.51
C ARG B 567 19.19 -30.96 6.27
N ALA B 568 19.66 -32.24 6.30
CA ALA B 568 20.83 -32.73 7.02
C ALA B 568 22.17 -32.50 6.36
N LYS B 569 23.10 -31.95 7.13
CA LYS B 569 24.48 -31.77 6.71
C LYS B 569 25.32 -32.97 7.15
N VAL B 570 25.08 -33.50 8.34
CA VAL B 570 25.87 -34.61 8.87
C VAL B 570 25.15 -35.97 8.93
N GLY B 571 24.01 -36.02 9.62
CA GLY B 571 23.31 -37.28 9.83
C GLY B 571 21.83 -37.12 9.93
N ILE B 572 21.13 -38.23 9.68
CA ILE B 572 19.67 -38.32 9.69
C ILE B 572 19.21 -39.69 10.19
N LEU B 573 18.12 -39.68 10.95
CA LEU B 573 17.44 -40.89 11.41
C LEU B 573 16.03 -40.78 10.83
N CYS B 574 15.64 -41.73 9.96
CA CYS B 574 14.32 -41.76 9.37
C CYS B 574 13.50 -42.91 9.93
N ILE B 575 12.42 -42.62 10.70
CA ILE B 575 11.52 -43.67 11.19
C ILE B 575 10.41 -43.66 10.13
N MET B 576 10.34 -44.72 9.29
CA MET B 576 9.42 -44.80 8.14
C MET B 576 8.16 -45.65 8.37
N SER B 577 7.09 -45.27 7.66
CA SER B 577 5.79 -45.94 7.64
C SER B 577 5.59 -46.64 6.30
N ASP B 578 6.01 -45.99 5.21
CA ASP B 578 5.91 -46.45 3.82
C ASP B 578 7.05 -47.43 3.49
N ARG B 579 6.74 -48.63 2.98
CA ARG B 579 7.76 -49.61 2.57
C ARG B 579 8.50 -49.13 1.31
N ASP B 580 7.81 -48.42 0.40
CA ASP B 580 8.35 -47.85 -0.85
C ASP B 580 9.50 -46.84 -0.55
N LEU B 581 9.21 -45.73 0.14
CA LEU B 581 10.21 -44.75 0.48
C LEU B 581 11.25 -45.31 1.45
N TYR B 582 10.88 -46.29 2.32
CA TYR B 582 11.87 -46.92 3.21
C TYR B 582 12.94 -47.65 2.35
N ASP B 583 12.48 -48.38 1.31
CA ASP B 583 13.34 -49.13 0.39
C ASP B 583 14.19 -48.23 -0.51
N LYS B 584 13.70 -47.03 -0.81
CA LYS B 584 14.41 -46.04 -1.62
C LYS B 584 15.52 -45.33 -0.82
N LEU B 585 15.40 -45.28 0.53
CA LEU B 585 16.42 -44.69 1.38
C LEU B 585 17.72 -45.54 1.34
N GLN B 586 18.85 -44.93 0.88
CA GLN B 586 20.14 -45.62 0.80
C GLN B 586 20.92 -45.35 2.07
N PHE B 587 20.30 -45.74 3.19
CA PHE B 587 20.76 -45.53 4.54
C PHE B 587 21.03 -46.88 5.23
N THR B 588 21.74 -46.83 6.34
CA THR B 588 22.00 -48.00 7.15
C THR B 588 20.68 -48.30 7.91
N SER B 589 20.17 -49.53 7.80
CA SER B 589 18.96 -49.91 8.50
C SER B 589 19.26 -50.30 9.95
N LEU B 590 18.45 -49.83 10.90
CA LEU B 590 18.60 -50.18 12.30
C LEU B 590 17.50 -51.19 12.69
N GLU B 591 17.82 -52.15 13.57
CA GLU B 591 16.84 -53.11 14.04
C GLU B 591 15.90 -52.36 15.05
N ILE B 592 14.63 -52.81 15.16
CA ILE B 592 13.64 -52.21 16.10
C ILE B 592 13.78 -52.84 17.47
N PRO B 593 14.01 -52.03 18.52
CA PRO B 593 14.13 -52.59 19.87
C PRO B 593 12.81 -53.08 20.52
ZN ZN C . 44.34 18.34 -2.89
ZN ZN D . 22.69 22.72 -3.98
ZN ZN E . 20.35 23.31 -16.97
P PO4 F . -21.07 22.82 0.69
O1 PO4 F . -20.67 23.46 2.11
O2 PO4 F . -20.53 23.74 -0.40
O3 PO4 F . -22.67 22.75 0.56
O4 PO4 F . -20.52 21.32 0.56
P PO4 G . -17.47 24.41 3.83
O1 PO4 G . -18.33 25.33 4.80
O2 PO4 G . -17.37 25.14 2.52
O3 PO4 G . -16.02 24.18 4.46
O4 PO4 G . -18.15 22.98 3.61
N1 VVY H . -4.55 -16.69 -26.77
C4 VVY H . -1.37 -13.16 -24.27
C5 VVY H . -0.70 -12.06 -23.74
C6 VVY H . -1.16 -11.44 -22.60
C7 VVY H . -2.26 -11.94 -21.96
C8 VVY H . -2.93 -13.03 -22.47
C10 VVY H . -6.13 -17.41 -28.37
O1 VVY H . -4.02 -17.27 -24.69
C1 VVY H . -3.93 -16.46 -25.60
C2 VVY H . -3.17 -15.15 -25.42
O2 VVY H . -3.23 -14.72 -24.06
C3 VVY H . -2.49 -13.64 -23.63
C9 VVY H . -5.93 -17.20 -26.87
C11 VVY H . -4.74 -17.67 -28.86
C12 VVY H . -3.93 -16.64 -28.10
ZN ZN I . -19.93 -17.19 -15.80
ZN ZN J . -15.40 -13.80 -27.54
ZN ZN K . -40.30 -9.22 -14.95
P PO4 L . 21.13 -23.37 -1.68
O1 PO4 L . 21.21 -21.81 -2.07
O2 PO4 L . 19.84 -23.54 -0.74
O3 PO4 L . 22.43 -23.78 -0.89
O4 PO4 L . 20.92 -24.30 -2.96
P PO4 M . 17.23 -25.61 -0.47
O1 PO4 M . 17.13 -24.07 0.02
O2 PO4 M . 16.41 -26.66 0.36
O3 PO4 M . 18.77 -26.01 -0.34
O4 PO4 M . 16.75 -25.73 -2.00
#